data_2IT1
#
_entry.id   2IT1
#
_cell.length_a   49.230
_cell.length_b   85.319
_cell.length_c   82.598
_cell.angle_alpha   90.00
_cell.angle_beta   97.16
_cell.angle_gamma   90.00
#
_symmetry.space_group_name_H-M   'P 1 21 1'
#
loop_
_entity.id
_entity.type
_entity.pdbx_description
1 polymer '362aa long hypothetical maltose/maltodextrin transport ATP-binding protein'
2 non-polymer 'SULFATE ION'
3 water water
#
_entity_poly.entity_id   1
_entity_poly.type   'polypeptide(L)'
_entity_poly.pdbx_seq_one_letter_code
;MVEIKLENIVKKFGNFTALNNINLKIKDGEFMALLGPSGSGKSTLLYTIAGIYKPTSGKIYFDEKDVTELPPKDRNVGLV
FQNWALYPHMTVYKNIAFPLELRKAPREEIDKKVREVAKMLHIDKLLNRYPWQLSGGQQQRVAIARALVKEPEVLLLDEP
LSNLDALLRLEVRAELKRLQKELGITTVYVTHDQAEALAMADRIAVIREGEILQVGTPDEVYYKPKYKFVGGFLGNPPMN
FVEAKVEDGKLVITEKSKLPIPKQYVEIVKETGITEVIIGFRPHDAEIVKGEGEGIVGEVYSFEPLGREQIVTVSVNDSI
VKVFAPEGEHFSFGEKVTIKVKEELLVLFDKKTEKALEFSKL
;
_entity_poly.pdbx_strand_id   A,B
#
# COMPACT_ATOMS: atom_id res chain seq x y z
N MET A 1 0.09 -1.67 12.72
CA MET A 1 0.80 -2.17 13.93
C MET A 1 2.16 -1.47 14.05
N VAL A 2 3.19 -2.16 14.53
CA VAL A 2 4.46 -1.49 14.88
C VAL A 2 5.54 -1.70 13.82
N GLU A 3 6.28 -0.64 13.54
CA GLU A 3 7.51 -0.74 12.75
C GLU A 3 8.65 -0.88 13.71
N ILE A 4 9.52 -1.86 13.49
CA ILE A 4 10.67 -2.03 14.37
C ILE A 4 11.99 -1.77 13.65
N LYS A 5 12.83 -1.02 14.34
CA LYS A 5 14.16 -0.69 13.91
C LYS A 5 15.16 -1.21 14.93
N LEU A 6 16.16 -1.95 14.45
CA LEU A 6 17.28 -2.34 15.26
C LEU A 6 18.48 -1.56 14.76
N GLU A 7 19.09 -0.77 15.66
CA GLU A 7 20.20 0.11 15.31
C GLU A 7 21.47 -0.33 15.98
N ASN A 8 22.42 -0.79 15.18
CA ASN A 8 23.72 -1.23 15.65
C ASN A 8 23.59 -2.12 16.86
N ILE A 9 22.84 -3.21 16.69
CA ILE A 9 22.66 -4.15 17.80
C ILE A 9 23.84 -5.10 17.82
N VAL A 10 24.49 -5.18 18.97
CA VAL A 10 25.53 -6.17 19.17
C VAL A 10 25.16 -7.04 20.36
N LYS A 11 25.46 -8.33 20.27
CA LYS A 11 25.32 -9.22 21.42
C LYS A 11 26.56 -10.08 21.55
N LYS A 12 27.27 -9.87 22.65
CA LYS A 12 28.49 -10.58 22.94
C LYS A 12 28.32 -11.13 24.36
N PHE A 13 28.30 -12.45 24.49
CA PHE A 13 28.27 -13.08 25.81
C PHE A 13 29.64 -12.90 26.48
N GLY A 14 30.71 -13.07 25.71
CA GLY A 14 32.06 -12.72 26.16
C GLY A 14 32.99 -12.44 24.99
N ASN A 15 33.62 -13.50 24.49
CA ASN A 15 34.55 -13.41 23.36
C ASN A 15 33.86 -13.81 22.05
N PHE A 16 32.86 -14.68 22.17
CA PHE A 16 31.95 -15.05 21.08
C PHE A 16 31.01 -13.90 20.80
N THR A 17 30.92 -13.52 19.52
CA THR A 17 30.01 -12.48 19.10
C THR A 17 28.81 -13.16 18.48
N ALA A 18 27.68 -13.08 19.19
CA ALA A 18 26.46 -13.75 18.79
C ALA A 18 25.75 -12.96 17.70
N LEU A 19 25.72 -11.64 17.86
CA LEU A 19 25.16 -10.70 16.90
C LEU A 19 26.10 -9.54 16.71
N ASN A 20 26.49 -9.28 15.46
CA ASN A 20 27.43 -8.20 15.18
C ASN A 20 26.84 -7.09 14.32
N ASN A 21 26.59 -5.96 14.97
CA ASN A 21 26.08 -4.78 14.33
C ASN A 21 24.91 -5.10 13.42
N ILE A 22 23.81 -5.46 14.04
CA ILE A 22 22.57 -5.75 13.34
C ILE A 22 21.81 -4.44 13.12
N ASN A 23 21.64 -4.11 11.85
CA ASN A 23 20.87 -2.97 11.41
C ASN A 23 19.77 -3.46 10.51
N LEU A 24 18.54 -3.24 10.91
CA LEU A 24 17.41 -3.83 10.21
C LEU A 24 16.14 -3.17 10.68
N LYS A 25 15.28 -2.85 9.73
CA LYS A 25 13.98 -2.32 10.00
C LYS A 25 12.95 -3.32 9.47
N ILE A 26 12.03 -3.74 10.34
CA ILE A 26 10.88 -4.54 9.91
C ILE A 26 9.66 -3.61 9.84
N LYS A 27 9.01 -3.56 8.67
CA LYS A 27 7.96 -2.58 8.41
C LYS A 27 6.62 -2.96 9.00
N ASP A 28 5.79 -1.94 9.20
CA ASP A 28 4.48 -2.13 9.76
C ASP A 28 3.73 -3.21 8.99
N GLY A 29 3.23 -4.22 9.70
CA GLY A 29 2.44 -5.27 9.07
C GLY A 29 3.21 -6.21 8.16
N GLU A 30 4.52 -6.08 8.07
CA GLU A 30 5.34 -6.92 7.21
C GLU A 30 5.64 -8.30 7.82
N PHE A 31 5.72 -9.32 6.96
CA PHE A 31 6.17 -10.65 7.33
C PHE A 31 7.66 -10.73 6.96
N MET A 32 8.52 -10.69 7.96
CA MET A 32 9.96 -10.72 7.75
C MET A 32 10.52 -12.06 8.19
N ALA A 33 11.32 -12.67 7.33
CA ALA A 33 11.89 -13.95 7.68
C ALA A 33 13.34 -13.73 8.06
N LEU A 34 13.76 -14.42 9.11
CA LEU A 34 15.16 -14.46 9.49
C LEU A 34 15.64 -15.85 9.13
N LEU A 35 16.41 -15.92 8.04
CA LEU A 35 16.78 -17.18 7.42
C LEU A 35 18.28 -17.42 7.57
N GLY A 36 18.64 -18.58 8.08
CA GLY A 36 20.04 -18.93 8.19
C GLY A 36 20.20 -20.32 8.75
N PRO A 37 21.44 -20.81 8.75
CA PRO A 37 21.74 -22.13 9.33
C PRO A 37 21.73 -22.16 10.86
N SER A 38 21.92 -23.34 11.43
CA SER A 38 22.06 -23.45 12.87
C SER A 38 23.24 -22.68 13.42
N GLY A 39 22.98 -21.93 14.47
CA GLY A 39 23.98 -21.12 15.13
C GLY A 39 24.33 -19.87 14.39
N SER A 40 23.49 -19.44 13.44
CA SER A 40 23.76 -18.21 12.70
C SER A 40 23.51 -16.95 13.51
N GLY A 41 22.76 -17.07 14.60
CA GLY A 41 22.33 -15.93 15.40
C GLY A 41 20.89 -15.50 15.11
N LYS A 42 20.23 -16.20 14.19
CA LYS A 42 18.83 -15.91 13.81
C LYS A 42 17.86 -16.01 14.99
N SER A 43 18.00 -17.04 15.83
CA SER A 43 17.13 -17.18 16.99
C SER A 43 17.51 -16.13 18.04
N THR A 44 18.80 -15.92 18.23
CA THR A 44 19.27 -14.92 19.20
C THR A 44 18.74 -13.55 18.86
N LEU A 45 18.70 -13.22 17.57
CA LEU A 45 18.15 -11.96 17.13
C LEU A 45 16.68 -11.85 17.50
N LEU A 46 15.94 -12.94 17.34
CA LEU A 46 14.52 -12.94 17.68
C LEU A 46 14.34 -12.76 19.19
N TYR A 47 15.16 -13.45 19.98
CA TYR A 47 15.06 -13.37 21.45
C TYR A 47 15.45 -11.97 21.93
N THR A 48 16.31 -11.32 21.16
CA THR A 48 16.73 -9.96 21.41
C THR A 48 15.61 -8.98 21.09
N ILE A 49 14.88 -9.20 19.99
CA ILE A 49 13.70 -8.37 19.67
C ILE A 49 12.61 -8.56 20.74
N ALA A 50 12.40 -9.80 21.20
CA ALA A 50 11.43 -10.09 22.25
C ALA A 50 11.77 -9.40 23.56
N GLY A 51 13.05 -9.39 23.90
CA GLY A 51 13.53 -8.85 25.17
C GLY A 51 14.04 -9.90 26.13
N ILE A 52 13.94 -11.18 25.76
CA ILE A 52 14.40 -12.27 26.62
C ILE A 52 15.91 -12.20 26.80
N TYR A 53 16.61 -11.81 25.74
CA TYR A 53 18.02 -11.47 25.79
C TYR A 53 18.17 -9.95 25.66
N LYS A 54 19.22 -9.43 26.29
CA LYS A 54 19.51 -8.00 26.27
C LYS A 54 20.75 -7.76 25.42
N PRO A 55 20.74 -6.72 24.58
CA PRO A 55 21.93 -6.48 23.77
C PRO A 55 23.10 -6.02 24.62
N THR A 56 24.31 -6.22 24.13
CA THR A 56 25.49 -5.63 24.77
C THR A 56 25.41 -4.12 24.53
N SER A 57 25.13 -3.77 23.29
CA SER A 57 24.95 -2.38 22.91
C SER A 57 24.00 -2.24 21.72
N GLY A 58 23.54 -1.01 21.50
CA GLY A 58 22.64 -0.68 20.41
C GLY A 58 21.24 -0.45 20.92
N LYS A 59 20.34 -0.07 20.02
CA LYS A 59 19.00 0.28 20.40
C LYS A 59 17.96 -0.50 19.61
N ILE A 60 16.78 -0.64 20.21
CA ILE A 60 15.65 -1.28 19.56
C ILE A 60 14.43 -0.38 19.72
N TYR A 61 13.93 0.15 18.61
CA TYR A 61 12.73 1.00 18.63
C TYR A 61 11.53 0.26 18.08
N PHE A 62 10.40 0.32 18.79
CA PHE A 62 9.12 -0.07 18.25
C PHE A 62 8.41 1.24 17.96
N ASP A 63 8.19 1.54 16.68
CA ASP A 63 7.67 2.86 16.29
C ASP A 63 8.61 3.94 16.88
N GLU A 64 8.04 4.98 17.49
CA GLU A 64 8.83 6.04 18.13
C GLU A 64 9.57 5.56 19.36
N LYS A 65 9.01 4.57 20.05
CA LYS A 65 9.41 4.25 21.41
C LYS A 65 10.64 3.36 21.50
N ASP A 66 11.64 3.82 22.24
CA ASP A 66 12.81 3.02 22.56
C ASP A 66 12.44 1.99 23.63
N VAL A 67 12.54 0.71 23.26
CA VAL A 67 12.15 -0.39 24.14
C VAL A 67 13.35 -1.25 24.51
N THR A 68 14.55 -0.77 24.26
CA THR A 68 15.77 -1.56 24.37
C THR A 68 15.98 -2.19 25.75
N GLU A 69 15.66 -1.47 26.80
CA GLU A 69 15.89 -1.98 28.16
C GLU A 69 14.58 -2.38 28.84
N LEU A 70 13.46 -2.26 28.13
CA LEU A 70 12.18 -2.74 28.64
C LEU A 70 12.21 -4.27 28.64
N PRO A 71 11.60 -4.89 29.67
CA PRO A 71 11.46 -6.34 29.65
C PRO A 71 10.36 -6.74 28.66
N PRO A 72 10.33 -8.02 28.25
CA PRO A 72 9.36 -8.53 27.28
C PRO A 72 7.91 -8.16 27.57
N LYS A 73 7.52 -8.15 28.85
CA LYS A 73 6.12 -7.87 29.25
C LYS A 73 5.64 -6.51 28.78
N ASP A 74 6.55 -5.55 28.78
CA ASP A 74 6.26 -4.16 28.46
C ASP A 74 6.30 -3.87 26.97
N ARG A 75 6.96 -4.75 26.20
CA ARG A 75 7.09 -4.56 24.75
C ARG A 75 5.88 -5.03 23.95
N ASN A 76 4.92 -5.70 24.59
CA ASN A 76 3.67 -6.06 23.92
C ASN A 76 3.96 -6.96 22.70
N VAL A 77 4.77 -7.99 22.93
CA VAL A 77 5.18 -8.93 21.89
C VAL A 77 4.53 -10.29 22.14
N GLY A 78 4.25 -11.02 21.05
CA GLY A 78 3.79 -12.41 21.15
C GLY A 78 4.86 -13.35 20.63
N LEU A 79 5.17 -14.39 21.40
CA LEU A 79 6.25 -15.33 21.08
C LEU A 79 5.78 -16.77 21.06
N VAL A 80 6.05 -17.46 19.95
CA VAL A 80 5.93 -18.91 19.87
C VAL A 80 7.34 -19.52 19.81
N PHE A 81 7.69 -20.34 20.82
CA PHE A 81 9.00 -21.02 20.93
C PHE A 81 9.12 -22.08 19.85
N GLN A 82 10.35 -22.45 19.49
CA GLN A 82 10.55 -23.52 18.52
C GLN A 82 9.89 -24.85 18.93
N ASN A 83 10.09 -25.17 20.21
CA ASN A 83 9.65 -26.43 20.78
C ASN A 83 8.53 -26.14 21.74
N TRP A 84 7.54 -25.43 21.23
CA TRP A 84 6.33 -25.07 21.94
C TRP A 84 5.55 -26.32 22.28
N ALA A 85 4.76 -26.22 23.35
CA ALA A 85 3.90 -27.33 23.75
C ALA A 85 2.68 -26.82 24.49
N LEU A 86 1.61 -27.57 24.40
CA LEU A 86 0.42 -27.30 25.16
C LEU A 86 0.45 -28.17 26.41
N TYR A 87 -0.16 -27.68 27.48
CA TYR A 87 -0.34 -28.51 28.68
C TYR A 87 -1.40 -29.59 28.40
N PRO A 88 -1.02 -30.87 28.52
CA PRO A 88 -1.93 -31.99 28.19
C PRO A 88 -3.17 -32.17 29.03
N HIS A 89 -3.16 -31.73 30.29
CA HIS A 89 -4.36 -31.86 31.09
C HIS A 89 -5.18 -30.57 31.07
N MET A 90 -4.81 -29.60 30.24
CA MET A 90 -5.64 -28.41 30.05
C MET A 90 -6.40 -28.50 28.77
N THR A 91 -7.66 -28.04 28.77
CA THR A 91 -8.44 -27.93 27.55
C THR A 91 -7.77 -26.91 26.65
N VAL A 92 -8.20 -26.85 25.39
CA VAL A 92 -7.73 -25.81 24.48
C VAL A 92 -8.03 -24.41 25.07
N TYR A 93 -9.24 -24.22 25.59
CA TYR A 93 -9.61 -22.94 26.26
C TYR A 93 -8.61 -22.56 27.33
N LYS A 94 -8.33 -23.46 28.25
CA LYS A 94 -7.50 -23.10 29.40
C LYS A 94 -6.06 -22.87 28.98
N ASN A 95 -5.62 -23.64 28.00
CA ASN A 95 -4.31 -23.43 27.41
C ASN A 95 -4.13 -22.02 26.91
N ILE A 96 -5.16 -21.47 26.27
CA ILE A 96 -5.16 -20.06 25.80
C ILE A 96 -5.34 -19.04 26.95
N ALA A 97 -6.22 -19.38 27.88
CA ALA A 97 -6.47 -18.51 29.05
C ALA A 97 -5.35 -18.40 30.05
N PHE A 98 -4.54 -19.46 30.20
CA PHE A 98 -3.66 -19.58 31.35
C PHE A 98 -2.72 -18.37 31.55
N PRO A 99 -2.07 -17.88 30.48
CA PRO A 99 -1.30 -16.65 30.68
C PRO A 99 -2.10 -15.51 31.34
N LEU A 100 -3.36 -15.35 31.00
CA LEU A 100 -4.21 -14.32 31.63
C LEU A 100 -4.67 -14.72 33.02
N GLU A 101 -4.92 -16.00 33.23
CA GLU A 101 -5.22 -16.50 34.57
C GLU A 101 -4.07 -16.20 35.55
N LEU A 102 -2.85 -16.40 35.08
CA LEU A 102 -1.67 -16.14 35.91
C LEU A 102 -1.51 -14.65 36.24
N ARG A 103 -1.98 -13.78 35.34
CA ARG A 103 -1.93 -12.32 35.56
C ARG A 103 -3.12 -11.83 36.40
N LYS A 104 -4.02 -12.74 36.74
CA LYS A 104 -5.20 -12.44 37.55
C LYS A 104 -6.27 -11.63 36.78
N ALA A 105 -6.26 -11.67 35.45
CA ALA A 105 -7.29 -11.00 34.65
C ALA A 105 -8.68 -11.50 35.07
N PRO A 106 -9.69 -10.60 35.09
CA PRO A 106 -11.04 -11.06 35.41
C PRO A 106 -11.59 -12.03 34.37
N ARG A 107 -12.40 -12.96 34.83
CA ARG A 107 -12.88 -14.09 34.01
C ARG A 107 -13.63 -13.62 32.77
N GLU A 108 -14.43 -12.57 32.95
CA GLU A 108 -15.21 -11.97 31.86
C GLU A 108 -14.31 -11.56 30.70
N GLU A 109 -13.23 -10.85 31.01
CA GLU A 109 -12.22 -10.43 30.04
C GLU A 109 -11.53 -11.64 29.37
N ILE A 110 -11.11 -12.59 30.18
CA ILE A 110 -10.39 -13.76 29.67
C ILE A 110 -11.28 -14.48 28.66
N ASP A 111 -12.52 -14.72 29.06
CA ASP A 111 -13.47 -15.48 28.23
C ASP A 111 -13.67 -14.78 26.89
N LYS A 112 -13.70 -13.46 26.93
CA LYS A 112 -13.86 -12.67 25.72
C LYS A 112 -12.60 -12.71 24.82
N LYS A 113 -11.42 -12.58 25.42
CA LYS A 113 -10.17 -12.69 24.64
C LYS A 113 -10.03 -14.05 23.92
N VAL A 114 -10.38 -15.13 24.61
CA VAL A 114 -10.25 -16.49 24.10
C VAL A 114 -11.27 -16.68 22.99
N ARG A 115 -12.48 -16.17 23.18
CA ARG A 115 -13.51 -16.25 22.16
C ARG A 115 -12.98 -15.63 20.87
N GLU A 116 -12.41 -14.44 20.97
CA GLU A 116 -11.85 -13.71 19.83
C GLU A 116 -10.70 -14.45 19.13
N VAL A 117 -9.68 -14.89 19.88
CA VAL A 117 -8.49 -15.48 19.24
C VAL A 117 -8.80 -16.86 18.68
N ALA A 118 -9.69 -17.59 19.34
CA ALA A 118 -10.10 -18.92 18.86
C ALA A 118 -10.70 -18.87 17.46
N LYS A 119 -11.50 -17.84 17.20
CA LYS A 119 -12.14 -17.63 15.89
C LYS A 119 -11.14 -17.23 14.83
N MET A 120 -10.26 -16.28 15.18
CA MET A 120 -9.11 -15.90 14.33
C MET A 120 -8.28 -17.09 13.86
N LEU A 121 -8.01 -18.03 14.77
CA LEU A 121 -7.20 -19.21 14.46
C LEU A 121 -8.00 -20.43 14.05
N HIS A 122 -9.31 -20.27 13.87
CA HIS A 122 -10.17 -21.40 13.44
C HIS A 122 -10.15 -22.62 14.36
N ILE A 123 -10.17 -22.36 15.66
CA ILE A 123 -10.18 -23.42 16.68
C ILE A 123 -11.38 -23.33 17.64
N ASP A 124 -12.32 -22.44 17.36
CA ASP A 124 -13.52 -22.23 18.20
C ASP A 124 -14.49 -23.41 18.33
N LYS A 125 -14.26 -24.48 17.58
CA LYS A 125 -14.98 -25.73 17.76
C LYS A 125 -14.19 -26.69 18.67
N LEU A 126 -12.96 -26.34 19.01
CA LEU A 126 -12.07 -27.26 19.79
C LEU A 126 -11.85 -26.82 21.24
N LEU A 127 -12.55 -25.77 21.67
CA LEU A 127 -12.27 -25.16 22.97
C LEU A 127 -12.33 -26.15 24.13
N ASN A 128 -13.18 -27.16 23.99
CA ASN A 128 -13.42 -28.13 25.05
C ASN A 128 -12.49 -29.31 24.99
N ARG A 129 -11.72 -29.42 23.93
CA ARG A 129 -10.87 -30.60 23.75
C ARG A 129 -9.55 -30.47 24.47
N TYR A 130 -8.92 -31.62 24.73
CA TYR A 130 -7.54 -31.67 25.22
C TYR A 130 -6.56 -31.90 24.09
N PRO A 131 -5.30 -31.46 24.26
CA PRO A 131 -4.28 -31.67 23.21
C PRO A 131 -4.24 -33.08 22.58
N TRP A 132 -4.44 -34.14 23.36
CA TRP A 132 -4.41 -35.50 22.81
C TRP A 132 -5.48 -35.73 21.74
N GLN A 133 -6.52 -34.89 21.74
CA GLN A 133 -7.61 -34.93 20.74
C GLN A 133 -7.35 -34.07 19.50
N LEU A 134 -6.22 -33.36 19.47
CA LEU A 134 -5.94 -32.44 18.37
C LEU A 134 -4.84 -32.97 17.45
N SER A 135 -4.85 -32.48 16.21
CA SER A 135 -3.75 -32.72 15.30
C SER A 135 -2.59 -31.77 15.61
N GLY A 136 -1.42 -32.13 15.12
CA GLY A 136 -0.26 -31.26 15.16
C GLY A 136 -0.60 -29.91 14.59
N GLY A 137 -1.29 -29.90 13.44
CA GLY A 137 -1.78 -28.67 12.83
C GLY A 137 -2.72 -27.87 13.72
N GLN A 138 -3.67 -28.56 14.34
CA GLN A 138 -4.60 -27.91 15.25
C GLN A 138 -3.86 -27.37 16.46
N GLN A 139 -3.02 -28.21 17.07
CA GLN A 139 -2.18 -27.76 18.17
C GLN A 139 -1.37 -26.49 17.87
N GLN A 140 -0.78 -26.41 16.68
CA GLN A 140 -0.02 -25.23 16.27
C GLN A 140 -0.88 -23.94 16.25
N ARG A 141 -2.09 -24.07 15.74
CA ARG A 141 -3.05 -22.95 15.75
C ARG A 141 -3.35 -22.47 17.19
N VAL A 142 -3.46 -23.41 18.13
CA VAL A 142 -3.70 -23.09 19.55
C VAL A 142 -2.50 -22.32 20.11
N ALA A 143 -1.31 -22.85 19.87
CA ALA A 143 -0.05 -22.17 20.21
C ALA A 143 -0.04 -20.71 19.77
N ILE A 144 -0.47 -20.45 18.54
CA ILE A 144 -0.45 -19.09 17.99
C ILE A 144 -1.52 -18.22 18.65
N ALA A 145 -2.72 -18.78 18.80
CA ALA A 145 -3.82 -18.13 19.53
C ALA A 145 -3.38 -17.73 20.93
N ARG A 146 -2.66 -18.61 21.63
CA ARG A 146 -2.16 -18.28 22.97
C ARG A 146 -1.13 -17.13 22.99
N ALA A 147 -0.38 -17.01 21.88
CA ALA A 147 0.59 -15.92 21.71
C ALA A 147 -0.09 -14.56 21.48
N LEU A 148 -1.35 -14.58 21.08
CA LEU A 148 -2.10 -13.33 20.78
C LEU A 148 -3.03 -12.90 21.90
N VAL A 149 -3.18 -13.74 22.92
CA VAL A 149 -4.16 -13.52 23.96
C VAL A 149 -3.97 -12.19 24.71
N LYS A 150 -2.74 -11.65 24.72
CA LYS A 150 -2.50 -10.35 25.36
C LYS A 150 -2.49 -9.20 24.34
N GLU A 151 -3.07 -9.45 23.16
CA GLU A 151 -3.07 -8.51 22.03
C GLU A 151 -1.74 -7.78 21.80
N PRO A 152 -0.74 -8.50 21.27
CA PRO A 152 0.54 -7.89 20.99
C PRO A 152 0.57 -7.11 19.68
N GLU A 153 1.59 -6.28 19.54
CA GLU A 153 1.84 -5.49 18.34
C GLU A 153 2.83 -6.13 17.36
N VAL A 154 3.58 -7.13 17.83
CA VAL A 154 4.52 -7.90 17.02
C VAL A 154 4.31 -9.39 17.33
N LEU A 155 4.33 -10.20 16.28
CA LEU A 155 4.36 -11.64 16.44
C LEU A 155 5.76 -12.17 16.10
N LEU A 156 6.30 -12.95 17.00
CA LEU A 156 7.64 -13.46 16.91
C LEU A 156 7.55 -14.96 16.93
N LEU A 157 8.06 -15.60 15.89
CA LEU A 157 7.91 -17.05 15.74
C LEU A 157 9.28 -17.64 15.47
N ASP A 158 9.77 -18.44 16.42
CA ASP A 158 11.08 -19.06 16.30
C ASP A 158 10.91 -20.47 15.73
N GLU A 159 10.92 -20.59 14.41
CA GLU A 159 10.83 -21.90 13.75
C GLU A 159 9.74 -22.78 14.36
N PRO A 160 8.48 -22.28 14.39
CA PRO A 160 7.46 -23.01 15.10
C PRO A 160 7.05 -24.32 14.40
N LEU A 161 7.08 -24.35 13.06
CA LEU A 161 6.64 -25.55 12.31
C LEU A 161 7.59 -26.74 12.43
N SER A 162 8.75 -26.53 13.04
CA SER A 162 9.76 -27.55 13.34
C SER A 162 9.23 -28.79 14.06
N ASN A 163 8.17 -28.61 14.86
CA ASN A 163 7.49 -29.71 15.52
C ASN A 163 6.75 -30.62 14.54
N LEU A 164 6.08 -30.00 13.56
CA LEU A 164 5.16 -30.71 12.66
C LEU A 164 5.88 -31.57 11.66
N ASP A 165 5.20 -32.63 11.21
CA ASP A 165 5.68 -33.46 10.11
C ASP A 165 5.86 -32.59 8.86
N ALA A 166 6.73 -33.02 7.98
CA ALA A 166 7.13 -32.22 6.82
C ALA A 166 6.01 -32.00 5.80
N LEU A 167 5.04 -32.92 5.73
CA LEU A 167 3.98 -32.80 4.75
C LEU A 167 2.95 -31.77 5.21
N LEU A 168 2.44 -31.94 6.43
CA LEU A 168 1.53 -30.98 7.04
C LEU A 168 2.14 -29.58 7.03
N ARG A 169 3.42 -29.48 7.36
CA ARG A 169 4.19 -28.22 7.28
C ARG A 169 3.80 -27.44 6.02
N LEU A 170 3.84 -28.10 4.87
CA LEU A 170 3.57 -27.47 3.56
C LEU A 170 2.22 -26.74 3.48
N GLU A 171 1.17 -27.37 4.00
CA GLU A 171 -0.14 -26.72 4.08
C GLU A 171 -0.15 -25.57 5.08
N VAL A 172 0.29 -25.85 6.30
CA VAL A 172 0.18 -24.93 7.43
C VAL A 172 0.94 -23.61 7.23
N ARG A 173 2.00 -23.64 6.43
CA ARG A 173 2.80 -22.45 6.16
C ARG A 173 2.05 -21.43 5.29
N ALA A 174 1.23 -21.92 4.36
CA ALA A 174 0.38 -21.04 3.55
C ALA A 174 -0.82 -20.52 4.38
N GLU A 175 -1.33 -21.34 5.29
CA GLU A 175 -2.39 -20.91 6.21
C GLU A 175 -1.90 -19.83 7.19
N LEU A 176 -0.65 -19.93 7.60
CA LEU A 176 -0.03 -18.94 8.48
C LEU A 176 0.21 -17.60 7.79
N LYS A 177 0.55 -17.63 6.50
CA LYS A 177 0.71 -16.40 5.73
C LYS A 177 -0.64 -15.67 5.63
N ARG A 178 -1.71 -16.44 5.44
CA ARG A 178 -3.06 -15.90 5.34
C ARG A 178 -3.50 -15.21 6.64
N LEU A 179 -3.18 -15.83 7.76
CA LEU A 179 -3.46 -15.28 9.09
C LEU A 179 -2.72 -13.98 9.33
N GLN A 180 -1.44 -13.95 8.97
CA GLN A 180 -0.61 -12.78 9.22
C GLN A 180 -1.17 -11.61 8.41
N LYS A 181 -1.72 -11.95 7.26
CA LYS A 181 -2.33 -10.98 6.33
C LYS A 181 -3.57 -10.35 6.95
N GLU A 182 -4.51 -11.19 7.38
CA GLU A 182 -5.76 -10.70 7.98
C GLU A 182 -5.60 -9.93 9.30
N LEU A 183 -4.56 -10.25 10.05
CA LEU A 183 -4.27 -9.54 11.28
C LEU A 183 -3.52 -8.26 10.98
N GLY A 184 -2.81 -8.25 9.85
CA GLY A 184 -1.87 -7.19 9.54
C GLY A 184 -0.81 -7.00 10.62
N ILE A 185 -0.51 -8.05 11.39
CA ILE A 185 0.42 -7.94 12.51
C ILE A 185 1.88 -8.08 12.06
N THR A 186 2.74 -7.17 12.52
CA THR A 186 4.14 -7.20 12.16
C THR A 186 4.67 -8.55 12.63
N THR A 187 5.31 -9.31 11.75
CA THR A 187 5.69 -10.66 12.13
C THR A 187 7.16 -10.90 11.79
N VAL A 188 7.91 -11.47 12.74
CA VAL A 188 9.29 -11.88 12.52
C VAL A 188 9.38 -13.39 12.67
N TYR A 189 9.86 -14.05 11.62
CA TYR A 189 9.77 -15.51 11.48
C TYR A 189 11.14 -16.11 11.26
N VAL A 190 11.62 -16.85 12.26
CA VAL A 190 12.92 -17.49 12.18
C VAL A 190 12.77 -18.87 11.50
N THR A 191 13.58 -19.17 10.49
CA THR A 191 13.64 -20.52 9.92
C THR A 191 15.01 -20.85 9.32
N HIS A 192 15.34 -22.14 9.28
CA HIS A 192 16.50 -22.60 8.46
C HIS A 192 16.03 -23.09 7.07
N ASP A 193 14.73 -23.01 6.80
CA ASP A 193 14.16 -23.54 5.58
C ASP A 193 14.02 -22.53 4.43
N GLN A 194 14.98 -22.51 3.52
CA GLN A 194 14.95 -21.57 2.40
C GLN A 194 13.62 -21.57 1.62
N ALA A 195 13.04 -22.75 1.40
CA ALA A 195 11.82 -22.84 0.58
C ALA A 195 10.69 -22.14 1.32
N GLU A 196 10.65 -22.34 2.62
CA GLU A 196 9.65 -21.74 3.50
C GLU A 196 9.75 -20.20 3.53
N ALA A 197 10.95 -19.70 3.73
CA ALA A 197 11.21 -18.29 3.69
C ALA A 197 10.72 -17.69 2.36
N LEU A 198 11.12 -18.30 1.24
CA LEU A 198 10.78 -17.74 -0.09
C LEU A 198 9.28 -17.77 -0.38
N ALA A 199 8.58 -18.76 0.16
CA ALA A 199 7.14 -18.91 -0.08
C ALA A 199 6.25 -18.04 0.83
N MET A 200 6.73 -17.70 2.02
CA MET A 200 5.92 -17.00 3.03
C MET A 200 6.27 -15.53 3.19
N ALA A 201 7.55 -15.17 3.01
CA ALA A 201 8.02 -13.86 3.45
C ALA A 201 7.81 -12.74 2.45
N ASP A 202 7.58 -11.54 2.98
CA ASP A 202 7.64 -10.31 2.20
C ASP A 202 9.08 -9.91 1.94
N ARG A 203 9.91 -9.99 2.98
CA ARG A 203 11.33 -9.80 2.84
C ARG A 203 12.08 -10.85 3.66
N ILE A 204 13.28 -11.18 3.20
CA ILE A 204 14.15 -12.17 3.88
C ILE A 204 15.49 -11.51 4.31
N ALA A 205 15.81 -11.61 5.60
CA ALA A 205 17.15 -11.27 6.11
C ALA A 205 17.92 -12.58 6.26
N VAL A 206 18.88 -12.79 5.35
CA VAL A 206 19.75 -13.95 5.38
C VAL A 206 20.83 -13.71 6.44
N ILE A 207 20.81 -14.54 7.50
CA ILE A 207 21.72 -14.37 8.66
C ILE A 207 22.83 -15.41 8.63
N ARG A 208 24.03 -14.95 8.91
CA ARG A 208 25.19 -15.80 8.84
C ARG A 208 26.17 -15.29 9.86
N GLU A 209 26.52 -16.12 10.82
CA GLU A 209 27.65 -15.84 11.68
C GLU A 209 27.47 -14.54 12.44
N GLY A 210 26.28 -14.35 13.00
CA GLY A 210 25.93 -13.16 13.79
C GLY A 210 25.66 -11.89 12.98
N GLU A 211 25.49 -12.06 11.68
CA GLU A 211 25.53 -10.96 10.75
C GLU A 211 24.41 -11.06 9.74
N ILE A 212 23.78 -9.95 9.41
CA ILE A 212 22.85 -9.93 8.27
C ILE A 212 23.65 -9.73 6.98
N LEU A 213 23.76 -10.78 6.18
CA LEU A 213 24.50 -10.73 4.94
C LEU A 213 23.74 -9.91 3.91
N GLN A 214 22.42 -10.03 3.93
CA GLN A 214 21.59 -9.39 2.96
C GLN A 214 20.15 -9.41 3.37
N VAL A 215 19.42 -8.38 2.96
CA VAL A 215 17.99 -8.30 3.18
C VAL A 215 17.35 -7.92 1.86
N GLY A 216 16.29 -8.61 1.47
CA GLY A 216 15.64 -8.30 0.22
C GLY A 216 14.37 -9.09 0.08
N THR A 217 13.61 -8.80 -0.97
CA THR A 217 12.47 -9.64 -1.33
C THR A 217 12.98 -11.03 -1.75
N PRO A 218 12.10 -12.03 -1.77
CA PRO A 218 12.48 -13.30 -2.36
C PRO A 218 13.29 -13.22 -3.66
N ASP A 219 12.79 -12.45 -4.63
CA ASP A 219 13.43 -12.29 -5.93
C ASP A 219 14.82 -11.69 -5.82
N GLU A 220 14.97 -10.67 -4.98
CA GLU A 220 16.26 -10.01 -4.78
C GLU A 220 17.32 -10.94 -4.21
N VAL A 221 16.97 -11.66 -3.15
CA VAL A 221 17.94 -12.53 -2.49
C VAL A 221 18.28 -13.74 -3.33
N TYR A 222 17.32 -14.22 -4.13
CA TYR A 222 17.53 -15.36 -5.03
C TYR A 222 18.31 -14.98 -6.31
N TYR A 223 17.91 -13.89 -6.97
CA TYR A 223 18.45 -13.51 -8.26
C TYR A 223 19.64 -12.57 -8.18
N LYS A 224 19.79 -11.88 -7.06
CA LYS A 224 20.89 -10.96 -6.91
C LYS A 224 21.59 -11.18 -5.57
N PRO A 225 22.18 -12.36 -5.40
CA PRO A 225 22.97 -12.67 -4.18
C PRO A 225 24.23 -11.82 -4.08
N LYS A 226 24.43 -11.20 -2.92
CA LYS A 226 25.49 -10.24 -2.70
C LYS A 226 26.77 -10.94 -2.24
N TYR A 227 26.59 -12.11 -1.61
CA TYR A 227 27.70 -12.97 -1.17
C TYR A 227 27.45 -14.42 -1.58
N LYS A 228 28.52 -15.21 -1.65
CA LYS A 228 28.43 -16.63 -2.05
C LYS A 228 27.46 -17.41 -1.18
N PHE A 229 27.49 -17.17 0.12
CA PHE A 229 26.66 -17.90 1.03
C PHE A 229 25.19 -17.68 0.75
N VAL A 230 24.83 -16.45 0.39
CA VAL A 230 23.44 -16.13 0.05
C VAL A 230 23.02 -16.98 -1.16
N GLY A 231 23.86 -17.06 -2.19
CA GLY A 231 23.56 -17.90 -3.35
C GLY A 231 23.47 -19.36 -2.97
N GLY A 232 24.36 -19.78 -2.08
CA GLY A 232 24.44 -21.17 -1.66
C GLY A 232 23.38 -21.66 -0.69
N PHE A 233 22.63 -20.74 -0.10
CA PHE A 233 21.63 -21.13 0.90
C PHE A 233 20.23 -21.20 0.32
N LEU A 234 20.02 -20.63 -0.86
CA LEU A 234 18.70 -20.59 -1.46
C LEU A 234 18.63 -21.47 -2.72
N GLY A 235 17.46 -22.06 -2.92
CA GLY A 235 17.18 -22.98 -4.03
C GLY A 235 17.46 -24.41 -3.61
N ASN A 236 16.87 -25.35 -4.32
CA ASN A 236 17.14 -26.76 -4.12
C ASN A 236 17.26 -27.46 -5.48
N PRO A 237 18.47 -27.89 -5.86
CA PRO A 237 19.69 -27.64 -5.16
C PRO A 237 20.03 -26.17 -5.32
N PRO A 238 20.92 -25.68 -4.45
CA PRO A 238 21.29 -24.29 -4.45
C PRO A 238 22.30 -23.97 -5.54
N MET A 239 22.79 -22.73 -5.52
CA MET A 239 23.75 -22.30 -6.50
C MET A 239 24.98 -23.21 -6.47
N ASN A 240 25.48 -23.55 -7.65
CA ASN A 240 26.75 -24.24 -7.80
C ASN A 240 27.90 -23.29 -7.71
N PHE A 241 29.06 -23.80 -7.29
CA PHE A 241 30.25 -23.00 -7.27
C PHE A 241 31.46 -23.78 -7.71
N VAL A 242 32.27 -23.12 -8.52
CA VAL A 242 33.56 -23.66 -8.94
C VAL A 242 34.63 -22.61 -8.80
N GLU A 243 35.77 -22.98 -8.22
CA GLU A 243 36.84 -22.03 -8.02
C GLU A 243 37.63 -21.92 -9.32
N ALA A 244 38.13 -20.72 -9.59
CA ALA A 244 38.98 -20.48 -10.71
C ALA A 244 40.04 -19.47 -10.37
N LYS A 245 41.08 -19.45 -11.20
CA LYS A 245 42.16 -18.47 -11.13
C LYS A 245 42.16 -17.63 -12.35
N VAL A 246 42.33 -16.33 -12.15
CA VAL A 246 42.43 -15.41 -13.28
C VAL A 246 43.85 -15.52 -13.84
N GLU A 247 43.96 -16.08 -15.05
CA GLU A 247 45.22 -16.33 -15.75
C GLU A 247 45.07 -15.92 -17.22
N ASP A 248 45.91 -14.96 -17.64
CA ASP A 248 45.92 -14.48 -19.03
C ASP A 248 44.50 -14.06 -19.50
N GLY A 249 43.80 -13.35 -18.62
CA GLY A 249 42.46 -12.84 -18.93
C GLY A 249 41.36 -13.88 -19.06
N LYS A 250 41.61 -15.09 -18.56
CA LYS A 250 40.58 -16.10 -18.52
C LYS A 250 40.38 -16.61 -17.11
N LEU A 251 39.25 -17.26 -16.89
CA LEU A 251 38.97 -17.92 -15.65
C LEU A 251 39.38 -19.39 -15.79
N VAL A 252 40.48 -19.76 -15.16
CA VAL A 252 41.06 -21.09 -15.27
C VAL A 252 40.56 -21.99 -14.14
N ILE A 253 39.87 -23.07 -14.52
CA ILE A 253 39.29 -24.01 -13.57
C ILE A 253 40.17 -25.26 -13.44
N THR A 254 40.49 -25.85 -14.59
CA THR A 254 41.38 -27.00 -14.67
C THR A 254 42.39 -26.80 -15.80
N GLU A 255 43.41 -27.66 -15.85
CA GLU A 255 44.29 -27.78 -17.02
C GLU A 255 43.48 -27.82 -18.32
N LYS A 256 42.28 -28.38 -18.25
CA LYS A 256 41.42 -28.60 -19.40
C LYS A 256 40.11 -27.81 -19.40
N SER A 257 39.91 -26.92 -18.43
CA SER A 257 38.64 -26.17 -18.33
C SER A 257 38.90 -24.73 -17.95
N LYS A 258 38.54 -23.83 -18.85
CA LYS A 258 38.66 -22.42 -18.59
C LYS A 258 37.64 -21.67 -19.40
N LEU A 259 37.22 -20.51 -18.91
CA LEU A 259 36.19 -19.69 -19.55
C LEU A 259 36.71 -18.27 -19.72
N PRO A 260 36.20 -17.54 -20.71
CA PRO A 260 36.55 -16.12 -20.69
C PRO A 260 35.98 -15.39 -19.48
N ILE A 261 36.62 -14.29 -19.12
CA ILE A 261 36.04 -13.41 -18.12
C ILE A 261 34.86 -12.73 -18.80
N PRO A 262 33.66 -12.87 -18.24
CA PRO A 262 32.54 -12.17 -18.87
C PRO A 262 32.87 -10.70 -19.08
N LYS A 263 32.59 -10.18 -20.27
CA LYS A 263 33.01 -8.83 -20.64
C LYS A 263 32.66 -7.76 -19.58
N GLN A 264 31.51 -7.93 -18.96
CA GLN A 264 31.01 -7.04 -17.90
C GLN A 264 31.87 -7.02 -16.62
N TYR A 265 32.81 -7.96 -16.49
CA TYR A 265 33.68 -8.04 -15.33
C TYR A 265 35.13 -7.67 -15.57
N VAL A 266 35.49 -7.47 -16.84
CA VAL A 266 36.88 -7.29 -17.25
C VAL A 266 37.56 -6.10 -16.59
N GLU A 267 36.92 -4.94 -16.61
CA GLU A 267 37.45 -3.74 -15.92
C GLU A 267 37.50 -3.92 -14.41
N ILE A 268 36.42 -4.41 -13.79
CA ILE A 268 36.43 -4.72 -12.34
C ILE A 268 37.63 -5.63 -12.00
N VAL A 269 37.76 -6.76 -12.68
CA VAL A 269 38.82 -7.71 -12.33
C VAL A 269 40.20 -7.08 -12.48
N LYS A 270 40.42 -6.43 -13.62
CA LYS A 270 41.65 -5.72 -13.91
C LYS A 270 42.03 -4.66 -12.87
N GLU A 271 41.10 -3.82 -12.47
CA GLU A 271 41.46 -2.72 -11.57
C GLU A 271 41.42 -3.09 -10.10
N THR A 272 40.73 -4.16 -9.72
CA THR A 272 40.81 -4.71 -8.35
C THR A 272 42.00 -5.65 -8.16
N GLY A 273 42.57 -6.11 -9.27
CA GLY A 273 43.68 -7.06 -9.21
C GLY A 273 43.30 -8.40 -8.60
N ILE A 274 42.01 -8.73 -8.58
CA ILE A 274 41.53 -10.05 -8.14
C ILE A 274 42.09 -11.19 -9.01
N THR A 275 42.64 -12.22 -8.37
CA THR A 275 43.20 -13.38 -9.10
C THR A 275 42.50 -14.71 -8.79
N GLU A 276 41.82 -14.76 -7.65
CA GLU A 276 41.15 -15.96 -7.22
C GLU A 276 39.66 -15.67 -7.10
N VAL A 277 38.87 -16.32 -7.97
CA VAL A 277 37.42 -16.11 -8.01
C VAL A 277 36.63 -17.42 -7.83
N ILE A 278 35.35 -17.26 -7.49
CA ILE A 278 34.38 -18.35 -7.38
C ILE A 278 33.34 -18.06 -8.43
N ILE A 279 33.08 -19.04 -9.28
CA ILE A 279 32.09 -18.92 -10.33
C ILE A 279 30.81 -19.52 -9.79
N GLY A 280 29.72 -18.77 -9.82
CA GLY A 280 28.44 -19.29 -9.36
C GLY A 280 27.46 -19.41 -10.51
N PHE A 281 26.65 -20.45 -10.45
CA PHE A 281 25.59 -20.67 -11.43
C PHE A 281 24.62 -21.68 -10.86
N ARG A 282 23.33 -21.40 -11.02
CA ARG A 282 22.30 -22.27 -10.51
C ARG A 282 22.11 -23.44 -11.47
N PRO A 283 21.66 -24.59 -10.94
CA PRO A 283 21.47 -25.84 -11.69
C PRO A 283 20.54 -25.73 -12.89
N HIS A 284 19.57 -24.80 -12.82
CA HIS A 284 18.59 -24.58 -13.86
C HIS A 284 19.02 -23.57 -14.89
N ASP A 285 20.18 -22.96 -14.65
CA ASP A 285 20.79 -21.95 -15.49
C ASP A 285 21.90 -22.52 -16.37
N ALA A 286 22.03 -23.84 -16.43
CA ALA A 286 23.08 -24.47 -17.21
C ALA A 286 22.55 -25.68 -17.95
N GLU A 287 23.38 -26.18 -18.85
CA GLU A 287 23.04 -27.38 -19.62
C GLU A 287 24.25 -28.33 -19.67
N ILE A 288 24.00 -29.62 -19.54
CA ILE A 288 25.03 -30.64 -19.73
C ILE A 288 25.01 -31.11 -21.18
N VAL A 289 26.15 -31.01 -21.86
CA VAL A 289 26.37 -31.68 -23.15
C VAL A 289 27.51 -32.67 -22.99
N LYS A 290 27.37 -33.85 -23.61
CA LYS A 290 28.41 -34.86 -23.55
C LYS A 290 29.60 -34.50 -24.42
N GLY A 291 30.76 -34.98 -24.03
CA GLY A 291 32.00 -34.68 -24.73
C GLY A 291 32.67 -33.48 -24.10
N GLU A 292 33.93 -33.25 -24.46
CA GLU A 292 34.66 -32.06 -24.04
C GLU A 292 34.53 -30.98 -25.10
N GLY A 293 33.77 -29.94 -24.78
CA GLY A 293 33.66 -28.76 -25.62
C GLY A 293 34.18 -27.55 -24.86
N GLU A 294 33.73 -26.38 -25.29
CA GLU A 294 34.07 -25.15 -24.60
C GLU A 294 33.03 -24.94 -23.50
N GLY A 295 33.53 -24.83 -22.27
CA GLY A 295 32.66 -24.70 -21.11
C GLY A 295 33.40 -25.08 -19.85
N ILE A 296 32.64 -25.55 -18.87
CA ILE A 296 33.18 -26.11 -17.64
C ILE A 296 33.15 -27.61 -17.85
N VAL A 297 34.33 -28.23 -17.96
CA VAL A 297 34.39 -29.66 -18.28
C VAL A 297 34.54 -30.47 -17.00
N GLY A 298 33.82 -31.58 -16.93
CA GLY A 298 33.95 -32.48 -15.79
C GLY A 298 33.54 -33.89 -16.15
N GLU A 299 33.36 -34.70 -15.13
CA GLU A 299 32.93 -36.08 -15.32
C GLU A 299 31.65 -36.38 -14.57
N VAL A 300 30.70 -37.01 -15.28
CA VAL A 300 29.45 -37.45 -14.67
C VAL A 300 29.78 -38.25 -13.41
N TYR A 301 29.13 -37.86 -12.32
CA TYR A 301 29.31 -38.55 -11.06
C TYR A 301 28.10 -39.42 -10.71
N SER A 302 26.93 -38.80 -10.70
CA SER A 302 25.72 -39.48 -10.29
C SER A 302 24.59 -38.71 -10.88
N PHE A 303 23.40 -39.21 -10.63
CA PHE A 303 22.19 -38.62 -11.14
C PHE A 303 21.06 -39.18 -10.29
N GLU A 304 20.00 -38.40 -10.13
CA GLU A 304 18.89 -38.79 -9.29
C GLU A 304 17.66 -38.11 -9.85
N PRO A 305 16.49 -38.70 -9.63
CA PRO A 305 15.27 -38.02 -10.06
C PRO A 305 15.04 -36.76 -9.24
N LEU A 306 14.47 -35.75 -9.90
CA LEU A 306 14.01 -34.56 -9.25
C LEU A 306 12.81 -34.03 -10.05
N GLY A 307 11.61 -34.32 -9.57
CA GLY A 307 10.40 -33.92 -10.28
C GLY A 307 10.30 -34.85 -11.48
N ARG A 308 10.01 -34.27 -12.64
CA ARG A 308 9.95 -35.01 -13.91
C ARG A 308 11.34 -35.08 -14.57
N GLU A 309 12.31 -34.36 -14.00
CA GLU A 309 13.67 -34.32 -14.54
C GLU A 309 14.60 -35.17 -13.74
N GLN A 310 15.88 -35.12 -14.09
CA GLN A 310 16.95 -35.66 -13.25
C GLN A 310 17.92 -34.57 -12.87
N ILE A 311 18.51 -34.71 -11.71
CA ILE A 311 19.58 -33.83 -11.31
C ILE A 311 20.88 -34.63 -11.48
N VAL A 312 21.73 -34.12 -12.35
CA VAL A 312 22.97 -34.79 -12.68
C VAL A 312 24.11 -34.13 -11.93
N THR A 313 24.82 -34.90 -11.10
CA THR A 313 25.94 -34.39 -10.32
C THR A 313 27.20 -34.63 -11.16
N VAL A 314 27.99 -33.57 -11.31
CA VAL A 314 29.20 -33.59 -12.10
C VAL A 314 30.37 -33.18 -11.22
N SER A 315 31.49 -33.91 -11.28
CA SER A 315 32.66 -33.53 -10.51
C SER A 315 33.57 -32.68 -11.41
N VAL A 316 34.06 -31.58 -10.86
CA VAL A 316 34.88 -30.65 -11.60
C VAL A 316 36.12 -30.47 -10.78
N ASN A 317 37.16 -31.20 -11.18
CA ASN A 317 38.31 -31.47 -10.31
C ASN A 317 37.95 -31.68 -8.82
N ASP A 318 38.11 -30.66 -7.98
CA ASP A 318 37.84 -30.81 -6.55
C ASP A 318 36.32 -30.74 -6.27
N SER A 319 35.62 -29.94 -7.05
CA SER A 319 34.27 -29.52 -6.76
C SER A 319 33.22 -30.46 -7.32
N ILE A 320 32.01 -30.31 -6.80
CA ILE A 320 30.87 -31.05 -7.29
C ILE A 320 29.76 -30.05 -7.63
N VAL A 321 29.23 -30.13 -8.84
CA VAL A 321 28.08 -29.32 -9.21
C VAL A 321 26.93 -30.18 -9.73
N LYS A 322 25.72 -29.59 -9.68
CA LYS A 322 24.49 -30.27 -10.08
C LYS A 322 23.77 -29.45 -11.13
N VAL A 323 23.31 -30.14 -12.18
CA VAL A 323 22.70 -29.50 -13.31
C VAL A 323 21.52 -30.39 -13.78
N PHE A 324 20.41 -29.75 -14.11
CA PHE A 324 19.21 -30.49 -14.47
C PHE A 324 19.37 -31.01 -15.87
N ALA A 325 18.84 -32.21 -16.09
CA ALA A 325 18.86 -32.83 -17.40
C ALA A 325 17.51 -33.51 -17.63
N PRO A 326 17.08 -33.63 -18.90
CA PRO A 326 15.93 -34.47 -19.25
C PRO A 326 15.98 -35.87 -18.62
N GLU A 327 14.83 -36.37 -18.19
CA GLU A 327 14.74 -37.69 -17.56
C GLU A 327 15.23 -38.81 -18.51
N GLY A 328 15.01 -38.62 -19.81
CA GLY A 328 15.35 -39.61 -20.83
C GLY A 328 16.82 -39.89 -21.05
N GLU A 329 17.69 -38.95 -20.71
CA GLU A 329 19.12 -39.11 -20.99
C GLU A 329 19.78 -40.00 -19.94
N HIS A 330 20.76 -40.79 -20.38
CA HIS A 330 21.52 -41.65 -19.49
C HIS A 330 22.91 -41.07 -19.37
N PHE A 331 23.32 -40.74 -18.16
CA PHE A 331 24.68 -40.33 -17.93
C PHE A 331 25.34 -41.41 -17.13
N SER A 332 26.42 -41.95 -17.69
CA SER A 332 27.19 -42.99 -17.04
C SER A 332 28.31 -42.33 -16.28
N PHE A 333 28.63 -42.94 -15.14
CA PHE A 333 29.69 -42.46 -14.25
C PHE A 333 31.03 -42.24 -14.96
N GLY A 334 31.72 -41.16 -14.60
CA GLY A 334 33.02 -40.84 -15.17
C GLY A 334 32.97 -40.36 -16.61
N GLU A 335 31.78 -40.33 -17.19
CA GLU A 335 31.60 -39.85 -18.55
C GLU A 335 32.00 -38.37 -18.60
N LYS A 336 32.66 -37.96 -19.69
CA LYS A 336 33.11 -36.60 -19.86
C LYS A 336 32.00 -35.74 -20.45
N VAL A 337 31.73 -34.62 -19.79
CA VAL A 337 30.68 -33.71 -20.17
C VAL A 337 31.16 -32.27 -20.03
N THR A 338 30.50 -31.37 -20.73
CA THR A 338 30.79 -29.96 -20.65
C THR A 338 29.54 -29.28 -20.14
N ILE A 339 29.70 -28.35 -19.19
CA ILE A 339 28.56 -27.64 -18.65
C ILE A 339 28.50 -26.30 -19.36
N LYS A 340 27.41 -26.06 -20.09
CA LYS A 340 27.22 -24.79 -20.80
C LYS A 340 26.40 -23.85 -19.94
N VAL A 341 26.97 -22.72 -19.59
CA VAL A 341 26.29 -21.69 -18.84
C VAL A 341 26.33 -20.38 -19.66
N LYS A 342 25.18 -19.74 -19.89
CA LYS A 342 25.20 -18.40 -20.51
C LYS A 342 25.76 -17.41 -19.52
N GLU A 343 26.75 -16.62 -19.96
CA GLU A 343 27.47 -15.74 -19.05
C GLU A 343 26.58 -14.80 -18.30
N GLU A 344 25.43 -14.41 -18.89
CA GLU A 344 24.52 -13.49 -18.21
C GLU A 344 24.03 -14.06 -16.85
N LEU A 345 23.98 -15.38 -16.74
CA LEU A 345 23.53 -16.07 -15.51
C LEU A 345 24.72 -16.63 -14.68
N LEU A 346 25.88 -16.00 -14.80
CA LEU A 346 27.08 -16.40 -14.09
C LEU A 346 27.30 -15.32 -13.04
N VAL A 347 27.35 -15.68 -11.76
CA VAL A 347 27.78 -14.70 -10.74
C VAL A 347 29.23 -14.94 -10.35
N LEU A 348 30.04 -13.89 -10.22
CA LEU A 348 31.42 -14.06 -9.84
C LEU A 348 31.59 -13.48 -8.44
N PHE A 349 32.34 -14.20 -7.61
CA PHE A 349 32.59 -13.80 -6.23
C PHE A 349 34.09 -13.81 -6.01
N ASP A 350 34.57 -12.87 -5.20
CA ASP A 350 35.95 -12.91 -4.71
C ASP A 350 36.11 -14.14 -3.80
N LYS A 351 37.13 -14.96 -4.03
CA LYS A 351 37.32 -16.16 -3.20
C LYS A 351 37.52 -15.80 -1.74
N LYS A 352 38.43 -14.87 -1.49
CA LYS A 352 38.80 -14.55 -0.11
C LYS A 352 37.59 -14.06 0.70
N THR A 353 36.88 -13.09 0.16
CA THR A 353 35.80 -12.40 0.90
C THR A 353 34.39 -12.91 0.53
N GLU A 354 34.29 -13.61 -0.59
CA GLU A 354 33.03 -14.19 -1.05
C GLU A 354 32.02 -13.12 -1.45
N LYS A 355 32.51 -11.92 -1.72
CA LYS A 355 31.63 -10.83 -2.14
C LYS A 355 31.38 -10.95 -3.64
N ALA A 356 30.13 -10.72 -4.05
CA ALA A 356 29.76 -10.73 -5.45
C ALA A 356 30.45 -9.57 -6.14
N LEU A 357 30.93 -9.79 -7.36
CA LEU A 357 31.42 -8.70 -8.18
C LEU A 357 30.24 -8.12 -8.96
N GLU A 358 30.03 -6.81 -8.84
CA GLU A 358 28.93 -6.16 -9.54
C GLU A 358 29.43 -5.04 -10.42
N PHE A 359 29.10 -5.12 -11.69
CA PHE A 359 29.44 -4.06 -12.62
C PHE A 359 28.43 -2.91 -12.54
N SER A 360 28.78 -1.82 -13.20
CA SER A 360 27.94 -0.62 -13.26
C SER A 360 26.54 -0.97 -13.78
N LYS A 361 25.54 -0.70 -12.96
CA LYS A 361 24.16 -1.10 -13.27
C LYS A 361 23.61 -0.34 -14.47
N LEU A 362 22.91 -1.07 -15.32
CA LEU A 362 22.34 -0.51 -16.54
C LEU A 362 21.04 0.24 -16.24
N VAL B 2 -33.66 5.37 -5.29
CA VAL B 2 -34.47 6.60 -5.41
C VAL B 2 -33.77 7.61 -6.31
N GLU B 3 -34.55 8.29 -7.14
CA GLU B 3 -34.10 9.44 -7.91
C GLU B 3 -34.53 10.66 -7.12
N ILE B 4 -33.60 11.58 -6.90
CA ILE B 4 -33.86 12.73 -6.04
C ILE B 4 -33.85 13.99 -6.88
N LYS B 5 -34.93 14.76 -6.79
CA LYS B 5 -35.00 16.05 -7.46
C LYS B 5 -35.07 17.18 -6.44
N LEU B 6 -34.09 18.06 -6.48
CA LEU B 6 -34.08 19.27 -5.65
C LEU B 6 -34.54 20.42 -6.53
N GLU B 7 -35.55 21.13 -6.06
CA GLU B 7 -36.29 22.09 -6.90
C GLU B 7 -36.29 23.47 -6.24
N ASN B 8 -35.49 24.37 -6.79
CA ASN B 8 -35.44 25.75 -6.34
C ASN B 8 -35.15 25.87 -4.84
N ILE B 9 -34.18 25.07 -4.37
CA ILE B 9 -33.91 25.01 -2.94
C ILE B 9 -33.19 26.26 -2.47
N VAL B 10 -33.76 26.89 -1.45
CA VAL B 10 -33.15 28.05 -0.82
C VAL B 10 -33.13 27.72 0.66
N LYS B 11 -32.03 28.07 1.31
CA LYS B 11 -31.94 27.90 2.73
C LYS B 11 -31.33 29.13 3.33
N LYS B 12 -32.09 29.78 4.22
CA LYS B 12 -31.65 31.00 4.85
C LYS B 12 -31.66 30.79 6.35
N PHE B 13 -30.64 31.30 7.00
CA PHE B 13 -30.63 31.38 8.45
C PHE B 13 -30.76 32.83 8.80
N GLY B 14 -31.94 33.37 8.54
CA GLY B 14 -32.22 34.79 8.76
C GLY B 14 -31.64 35.63 7.64
N ASN B 15 -30.50 36.24 7.90
CA ASN B 15 -29.87 37.16 6.95
C ASN B 15 -28.83 36.48 6.05
N PHE B 16 -28.43 35.28 6.44
CA PHE B 16 -27.43 34.53 5.71
C PHE B 16 -28.14 33.55 4.78
N THR B 17 -27.75 33.55 3.52
CA THR B 17 -28.27 32.62 2.51
C THR B 17 -27.28 31.47 2.37
N ALA B 18 -27.60 30.34 2.99
CA ALA B 18 -26.70 29.18 3.00
C ALA B 18 -26.75 28.44 1.66
N LEU B 19 -27.94 28.40 1.07
CA LEU B 19 -28.17 27.78 -0.24
C LEU B 19 -29.01 28.71 -1.09
N ASN B 20 -28.57 29.02 -2.30
CA ASN B 20 -29.23 30.05 -3.11
C ASN B 20 -29.73 29.50 -4.43
N ASN B 21 -30.95 28.96 -4.40
CA ASN B 21 -31.67 28.50 -5.61
C ASN B 21 -31.03 27.26 -6.23
N ILE B 22 -30.99 26.18 -5.47
CA ILE B 22 -30.36 24.95 -5.91
C ILE B 22 -31.35 24.11 -6.71
N ASN B 23 -30.93 23.69 -7.89
CA ASN B 23 -31.69 22.74 -8.70
C ASN B 23 -30.75 21.62 -9.05
N LEU B 24 -31.07 20.41 -8.60
CA LEU B 24 -30.21 19.25 -8.78
C LEU B 24 -31.03 17.96 -8.93
N LYS B 25 -30.72 17.17 -9.96
CA LYS B 25 -31.29 15.84 -10.11
C LYS B 25 -30.19 14.82 -9.82
N ILE B 26 -30.38 13.99 -8.79
CA ILE B 26 -29.45 12.90 -8.46
C ILE B 26 -30.13 11.61 -8.91
N LYS B 27 -29.51 10.92 -9.86
CA LYS B 27 -30.20 9.81 -10.54
C LYS B 27 -30.28 8.59 -9.65
N ASP B 28 -31.20 7.68 -9.96
CA ASP B 28 -31.28 6.41 -9.24
C ASP B 28 -29.95 5.65 -9.36
N GLY B 29 -29.36 5.27 -8.23
CA GLY B 29 -28.16 4.41 -8.23
C GLY B 29 -26.83 5.09 -8.46
N GLU B 30 -26.86 6.40 -8.64
CA GLU B 30 -25.65 7.17 -8.98
C GLU B 30 -24.87 7.60 -7.71
N PHE B 31 -23.56 7.76 -7.87
CA PHE B 31 -22.65 8.30 -6.83
C PHE B 31 -22.40 9.77 -7.19
N MET B 32 -23.04 10.67 -6.45
CA MET B 32 -22.91 12.09 -6.68
C MET B 32 -21.98 12.70 -5.61
N ALA B 33 -20.85 13.28 -6.03
CA ALA B 33 -20.01 14.06 -5.10
C ALA B 33 -20.50 15.51 -5.02
N LEU B 34 -20.59 16.04 -3.80
CA LEU B 34 -20.78 17.49 -3.62
C LEU B 34 -19.40 18.04 -3.22
N LEU B 35 -18.80 18.80 -4.13
CA LEU B 35 -17.39 19.22 -4.02
C LEU B 35 -17.26 20.71 -3.84
N GLY B 36 -16.62 21.15 -2.76
CA GLY B 36 -16.42 22.57 -2.54
C GLY B 36 -15.63 22.81 -1.28
N PRO B 37 -15.22 24.06 -1.04
CA PRO B 37 -14.38 24.34 0.11
C PRO B 37 -15.20 24.42 1.41
N SER B 38 -14.52 24.58 2.53
CA SER B 38 -15.24 24.75 3.79
C SER B 38 -16.13 25.96 3.68
N GLY B 39 -17.28 25.90 4.33
CA GLY B 39 -18.22 27.01 4.30
C GLY B 39 -18.95 27.24 3.00
N SER B 40 -18.84 26.32 2.03
CA SER B 40 -19.46 26.51 0.71
C SER B 40 -20.95 26.26 0.64
N GLY B 41 -21.51 25.63 1.69
CA GLY B 41 -22.88 25.16 1.66
C GLY B 41 -23.00 23.67 1.32
N LYS B 42 -21.92 23.01 0.95
CA LYS B 42 -22.01 21.60 0.52
C LYS B 42 -22.62 20.66 1.58
N SER B 43 -22.27 20.85 2.86
CA SER B 43 -22.83 20.06 3.97
C SER B 43 -24.26 20.46 4.28
N THR B 44 -24.54 21.75 4.27
CA THR B 44 -25.91 22.24 4.41
C THR B 44 -26.85 21.61 3.38
N LEU B 45 -26.38 21.46 2.15
CA LEU B 45 -27.12 20.76 1.10
C LEU B 45 -27.35 19.29 1.40
N LEU B 46 -26.29 18.61 1.86
CA LEU B 46 -26.44 17.22 2.22
C LEU B 46 -27.46 17.09 3.33
N TYR B 47 -27.37 17.93 4.36
CA TYR B 47 -28.35 17.89 5.43
C TYR B 47 -29.78 18.26 5.01
N THR B 48 -29.92 19.02 3.95
CA THR B 48 -31.23 19.38 3.41
C THR B 48 -31.83 18.21 2.63
N ILE B 49 -30.99 17.44 1.94
CA ILE B 49 -31.40 16.19 1.24
C ILE B 49 -31.83 15.14 2.27
N ALA B 50 -31.10 15.07 3.39
CA ALA B 50 -31.44 14.18 4.50
C ALA B 50 -32.79 14.49 5.18
N GLY B 51 -33.12 15.78 5.31
CA GLY B 51 -34.32 16.20 6.07
C GLY B 51 -34.05 16.72 7.47
N ILE B 52 -32.78 16.74 7.88
CA ILE B 52 -32.45 17.34 9.14
C ILE B 52 -32.68 18.85 9.02
N TYR B 53 -32.28 19.45 7.90
CA TYR B 53 -32.67 20.83 7.61
C TYR B 53 -33.84 20.82 6.67
N LYS B 54 -34.75 21.79 6.87
CA LYS B 54 -35.84 22.02 5.90
C LYS B 54 -35.57 23.26 5.03
N PRO B 55 -35.95 23.22 3.74
CA PRO B 55 -35.71 24.39 2.90
C PRO B 55 -36.51 25.61 3.39
N THR B 56 -35.98 26.81 3.19
CA THR B 56 -36.70 28.05 3.52
C THR B 56 -37.82 28.16 2.50
N SER B 57 -37.48 27.78 1.27
CA SER B 57 -38.43 27.63 0.19
C SER B 57 -37.88 26.57 -0.78
N GLY B 58 -38.77 25.84 -1.46
CA GLY B 58 -38.35 24.87 -2.48
C GLY B 58 -38.77 23.48 -2.10
N LYS B 59 -38.59 22.52 -3.01
CA LYS B 59 -39.11 21.17 -2.78
C LYS B 59 -38.07 20.09 -3.02
N ILE B 60 -38.26 18.95 -2.33
CA ILE B 60 -37.45 17.73 -2.54
C ILE B 60 -38.37 16.56 -2.86
N TYR B 61 -38.09 15.87 -3.96
CA TYR B 61 -38.86 14.69 -4.37
C TYR B 61 -37.95 13.48 -4.38
N PHE B 62 -38.41 12.39 -3.76
CA PHE B 62 -37.77 11.09 -3.88
C PHE B 62 -38.68 10.26 -4.77
N ASP B 63 -38.15 9.88 -5.92
CA ASP B 63 -38.93 9.39 -7.05
C ASP B 63 -39.96 10.42 -7.50
N GLU B 64 -41.20 10.33 -7.07
CA GLU B 64 -42.15 11.41 -7.41
C GLU B 64 -42.80 11.99 -6.18
N LYS B 65 -42.43 11.45 -5.02
CA LYS B 65 -43.04 11.83 -3.77
C LYS B 65 -42.38 13.10 -3.25
N ASP B 66 -43.20 14.09 -2.92
CA ASP B 66 -42.74 15.27 -2.23
C ASP B 66 -42.46 14.82 -0.80
N VAL B 67 -41.18 14.79 -0.43
CA VAL B 67 -40.77 14.37 0.90
C VAL B 67 -40.24 15.57 1.73
N THR B 68 -40.52 16.78 1.26
CA THR B 68 -39.96 18.00 1.80
C THR B 68 -40.14 18.15 3.29
N GLU B 69 -41.35 17.83 3.77
CA GLU B 69 -41.74 18.05 5.15
C GLU B 69 -41.41 16.86 6.05
N LEU B 70 -40.96 15.75 5.45
CA LEU B 70 -40.69 14.52 6.18
C LEU B 70 -39.27 14.46 6.80
N PRO B 71 -39.17 13.86 7.99
CA PRO B 71 -37.84 13.70 8.59
C PRO B 71 -37.02 12.64 7.89
N PRO B 72 -35.72 12.58 8.19
CA PRO B 72 -34.82 11.59 7.60
C PRO B 72 -35.34 10.15 7.65
N LYS B 73 -35.85 9.74 8.80
CA LYS B 73 -36.29 8.35 9.01
C LYS B 73 -37.37 7.99 8.01
N ASP B 74 -38.26 8.94 7.77
CA ASP B 74 -39.41 8.73 6.91
C ASP B 74 -39.05 8.86 5.42
N ARG B 75 -37.88 9.46 5.14
CA ARG B 75 -37.37 9.52 3.76
C ARG B 75 -36.54 8.28 3.44
N ASN B 76 -36.31 7.47 4.45
CA ASN B 76 -35.44 6.31 4.33
C ASN B 76 -34.04 6.73 3.92
N VAL B 77 -33.49 7.75 4.57
CA VAL B 77 -32.10 8.09 4.33
C VAL B 77 -31.19 7.38 5.36
N GLY B 78 -29.99 7.05 4.89
CA GLY B 78 -28.89 6.58 5.71
C GLY B 78 -27.89 7.70 5.67
N LEU B 79 -27.67 8.36 6.82
CA LEU B 79 -26.76 9.50 6.93
C LEU B 79 -25.55 9.18 7.80
N VAL B 80 -24.34 9.43 7.28
CA VAL B 80 -23.11 9.33 8.07
C VAL B 80 -22.52 10.76 8.25
N PHE B 81 -22.50 11.22 9.49
CA PHE B 81 -21.98 12.56 9.83
C PHE B 81 -20.49 12.62 9.57
N GLN B 82 -19.95 13.83 9.41
CA GLN B 82 -18.52 14.00 9.25
C GLN B 82 -17.80 13.59 10.54
N ASN B 83 -18.31 14.05 11.66
CA ASN B 83 -17.77 13.68 12.96
C ASN B 83 -18.67 12.63 13.58
N TRP B 84 -18.85 11.56 12.81
CA TRP B 84 -19.46 10.33 13.28
C TRP B 84 -18.60 9.68 14.34
N ALA B 85 -19.24 8.87 15.18
CA ALA B 85 -18.55 8.16 16.26
C ALA B 85 -19.37 6.98 16.68
N LEU B 86 -18.69 5.97 17.23
CA LEU B 86 -19.37 4.81 17.76
C LEU B 86 -19.45 5.02 19.24
N TYR B 87 -20.49 4.47 19.90
CA TYR B 87 -20.53 4.48 21.36
C TYR B 87 -19.45 3.52 21.91
N PRO B 88 -18.58 4.02 22.79
CA PRO B 88 -17.42 3.23 23.20
C PRO B 88 -17.72 2.06 24.12
N HIS B 89 -18.84 2.09 24.84
CA HIS B 89 -19.22 0.98 25.71
C HIS B 89 -20.05 -0.07 24.98
N MET B 90 -20.41 0.21 23.71
CA MET B 90 -21.19 -0.75 22.90
C MET B 90 -20.28 -1.54 22.00
N THR B 91 -20.53 -2.86 21.90
CA THR B 91 -19.81 -3.69 20.97
C THR B 91 -20.10 -3.21 19.57
N VAL B 92 -19.32 -3.69 18.62
CA VAL B 92 -19.61 -3.37 17.24
C VAL B 92 -21.04 -3.84 16.92
N TYR B 93 -21.39 -5.03 17.41
CA TYR B 93 -22.75 -5.59 17.17
C TYR B 93 -23.85 -4.64 17.68
N LYS B 94 -23.73 -4.23 18.95
CA LYS B 94 -24.71 -3.35 19.56
C LYS B 94 -24.77 -2.03 18.84
N ASN B 95 -23.60 -1.49 18.44
CA ASN B 95 -23.52 -0.17 17.77
C ASN B 95 -24.36 -0.18 16.49
N ILE B 96 -24.21 -1.29 15.78
CA ILE B 96 -25.00 -1.50 14.59
C ILE B 96 -26.47 -1.75 14.92
N ALA B 97 -26.75 -2.54 15.95
CA ALA B 97 -28.11 -2.85 16.40
C ALA B 97 -28.92 -1.65 16.88
N PHE B 98 -28.24 -0.70 17.51
CA PHE B 98 -28.90 0.36 18.29
C PHE B 98 -30.03 1.11 17.55
N PRO B 99 -29.81 1.56 16.30
CA PRO B 99 -30.93 2.22 15.60
C PRO B 99 -32.16 1.32 15.45
N LEU B 100 -31.92 0.02 15.34
CA LEU B 100 -33.02 -0.97 15.23
C LEU B 100 -33.68 -1.21 16.58
N GLU B 101 -32.88 -1.25 17.64
CA GLU B 101 -33.40 -1.37 18.99
C GLU B 101 -34.22 -0.16 19.38
N LEU B 102 -33.83 1.02 18.93
CA LEU B 102 -34.62 2.24 19.20
C LEU B 102 -35.96 2.27 18.44
N ARG B 103 -36.03 1.54 17.35
CA ARG B 103 -37.23 1.42 16.50
C ARG B 103 -38.12 0.25 16.95
N LYS B 104 -37.81 -0.32 18.12
CA LYS B 104 -38.53 -1.46 18.70
C LYS B 104 -38.56 -2.69 17.77
N ALA B 105 -37.46 -2.95 17.07
CA ALA B 105 -37.39 -4.10 16.14
C ALA B 105 -37.25 -5.43 16.90
N PRO B 106 -37.88 -6.52 16.40
CA PRO B 106 -37.78 -7.81 17.06
C PRO B 106 -36.40 -8.43 16.94
N ARG B 107 -36.08 -9.33 17.85
CA ARG B 107 -34.80 -10.04 17.93
C ARG B 107 -34.28 -10.57 16.59
N GLU B 108 -35.14 -11.30 15.90
CA GLU B 108 -34.75 -11.92 14.62
C GLU B 108 -34.38 -10.89 13.55
N GLU B 109 -35.13 -9.79 13.48
CA GLU B 109 -34.79 -8.73 12.56
C GLU B 109 -33.44 -8.11 12.95
N ILE B 110 -33.26 -7.78 14.22
CA ILE B 110 -31.99 -7.15 14.64
C ILE B 110 -30.81 -8.02 14.24
N ASP B 111 -30.83 -9.26 14.65
CA ASP B 111 -29.67 -10.15 14.42
C ASP B 111 -29.39 -10.38 12.93
N LYS B 112 -30.45 -10.61 12.15
CA LYS B 112 -30.29 -10.84 10.72
C LYS B 112 -29.69 -9.63 10.01
N LYS B 113 -30.22 -8.45 10.28
CA LYS B 113 -29.72 -7.24 9.62
C LYS B 113 -28.28 -6.92 10.06
N VAL B 114 -28.01 -7.01 11.35
CA VAL B 114 -26.68 -6.70 11.86
C VAL B 114 -25.61 -7.61 11.28
N ARG B 115 -25.86 -8.92 11.32
CA ARG B 115 -24.90 -9.89 10.76
C ARG B 115 -24.74 -9.81 9.24
N GLU B 116 -25.83 -9.57 8.53
CA GLU B 116 -25.79 -9.35 7.08
C GLU B 116 -25.03 -8.08 6.68
N VAL B 117 -25.32 -6.95 7.31
CA VAL B 117 -24.56 -5.73 6.95
C VAL B 117 -23.09 -5.88 7.32
N ALA B 118 -22.81 -6.66 8.37
CA ALA B 118 -21.45 -6.86 8.83
C ALA B 118 -20.62 -7.61 7.79
N LYS B 119 -21.17 -8.69 7.24
CA LYS B 119 -20.57 -9.43 6.11
C LYS B 119 -20.29 -8.51 4.92
N MET B 120 -21.30 -7.74 4.54
CA MET B 120 -21.20 -6.83 3.38
C MET B 120 -20.12 -5.77 3.56
N LEU B 121 -19.95 -5.32 4.80
CA LEU B 121 -18.89 -4.35 5.11
C LEU B 121 -17.58 -4.99 5.56
N HIS B 122 -17.50 -6.33 5.51
CA HIS B 122 -16.32 -7.12 5.89
C HIS B 122 -15.89 -6.86 7.34
N ILE B 123 -16.87 -6.78 8.23
CA ILE B 123 -16.62 -6.49 9.65
C ILE B 123 -17.21 -7.58 10.55
N ASP B 124 -17.66 -8.68 9.94
CA ASP B 124 -18.35 -9.71 10.69
C ASP B 124 -17.46 -10.41 11.74
N LYS B 125 -16.14 -10.33 11.59
CA LYS B 125 -15.24 -10.94 12.55
C LYS B 125 -14.97 -10.02 13.74
N LEU B 126 -15.54 -8.81 13.70
CA LEU B 126 -15.28 -7.76 14.66
C LEU B 126 -16.48 -7.52 15.57
N LEU B 127 -17.52 -8.33 15.45
CA LEU B 127 -18.82 -8.02 16.08
C LEU B 127 -18.80 -7.91 17.61
N ASN B 128 -17.89 -8.61 18.27
CA ASN B 128 -17.82 -8.64 19.72
C ASN B 128 -16.75 -7.71 20.29
N ARG B 129 -15.98 -7.06 19.41
CA ARG B 129 -14.98 -6.10 19.85
C ARG B 129 -15.59 -4.73 20.13
N TYR B 130 -14.87 -3.94 20.92
CA TYR B 130 -15.28 -2.59 21.22
C TYR B 130 -14.54 -1.63 20.28
N PRO B 131 -15.14 -0.45 20.05
CA PRO B 131 -14.52 0.56 19.17
C PRO B 131 -13.03 0.84 19.43
N TRP B 132 -12.63 0.89 20.70
CA TRP B 132 -11.22 1.11 21.03
C TRP B 132 -10.28 0.03 20.48
N GLN B 133 -10.82 -1.14 20.15
CA GLN B 133 -10.03 -2.24 19.61
C GLN B 133 -9.92 -2.23 18.10
N LEU B 134 -10.66 -1.33 17.43
CA LEU B 134 -10.64 -1.32 15.98
C LEU B 134 -9.68 -0.27 15.46
N SER B 135 -9.20 -0.47 14.25
CA SER B 135 -8.49 0.58 13.55
C SER B 135 -9.51 1.60 13.05
N GLY B 136 -8.99 2.71 12.54
CA GLY B 136 -9.83 3.77 11.99
C GLY B 136 -10.62 3.29 10.80
N GLY B 137 -9.95 2.56 9.92
CA GLY B 137 -10.57 1.92 8.78
C GLY B 137 -11.72 1.04 9.18
N GLN B 138 -11.50 0.20 10.17
CA GLN B 138 -12.53 -0.75 10.62
C GLN B 138 -13.70 -0.01 11.22
N GLN B 139 -13.40 1.02 12.02
CA GLN B 139 -14.44 1.83 12.62
C GLN B 139 -15.30 2.57 11.59
N GLN B 140 -14.67 3.00 10.48
CA GLN B 140 -15.39 3.65 9.38
C GLN B 140 -16.36 2.69 8.68
N ARG B 141 -15.95 1.44 8.56
CA ARG B 141 -16.84 0.42 8.00
C ARG B 141 -18.04 0.16 8.92
N VAL B 142 -17.81 0.18 10.24
CA VAL B 142 -18.91 -0.01 11.17
C VAL B 142 -19.90 1.13 10.95
N ALA B 143 -19.39 2.35 10.79
CA ALA B 143 -20.26 3.53 10.56
C ALA B 143 -21.14 3.37 9.31
N ILE B 144 -20.57 2.88 8.23
CA ILE B 144 -21.36 2.68 7.02
C ILE B 144 -22.41 1.61 7.24
N ALA B 145 -21.98 0.46 7.81
CA ALA B 145 -22.89 -0.64 8.17
C ALA B 145 -24.08 -0.17 8.96
N ARG B 146 -23.82 0.65 9.99
CA ARG B 146 -24.87 1.18 10.86
C ARG B 146 -25.85 2.08 10.09
N ALA B 147 -25.38 2.76 9.05
CA ALA B 147 -26.27 3.54 8.16
C ALA B 147 -27.12 2.69 7.22
N LEU B 148 -26.72 1.45 7.00
CA LEU B 148 -27.42 0.60 6.03
C LEU B 148 -28.44 -0.35 6.67
N VAL B 149 -28.51 -0.33 7.99
CA VAL B 149 -29.23 -1.36 8.74
C VAL B 149 -30.74 -1.11 8.77
N LYS B 150 -31.19 0.07 8.34
CA LYS B 150 -32.62 0.34 8.20
C LYS B 150 -33.04 0.42 6.73
N GLU B 151 -32.33 -0.32 5.89
CA GLU B 151 -32.66 -0.40 4.44
C GLU B 151 -32.94 0.99 3.82
N PRO B 152 -31.89 1.82 3.72
CA PRO B 152 -32.07 3.15 3.17
C PRO B 152 -32.24 3.10 1.67
N GLU B 153 -32.92 4.12 1.14
CA GLU B 153 -33.07 4.29 -0.30
C GLU B 153 -32.02 5.23 -0.88
N VAL B 154 -31.38 5.99 0.01
CA VAL B 154 -30.31 6.90 -0.35
C VAL B 154 -29.28 6.89 0.81
N LEU B 155 -28.00 6.87 0.44
CA LEU B 155 -26.88 6.90 1.37
C LEU B 155 -26.23 8.28 1.28
N LEU B 156 -26.15 8.97 2.40
CA LEU B 156 -25.65 10.33 2.43
C LEU B 156 -24.44 10.37 3.36
N LEU B 157 -23.29 10.81 2.82
CA LEU B 157 -22.00 10.69 3.49
C LEU B 157 -21.32 12.04 3.50
N ASP B 158 -21.20 12.61 4.69
CA ASP B 158 -20.55 13.92 4.85
C ASP B 158 -19.05 13.74 5.16
N GLU B 159 -18.20 13.73 4.13
CA GLU B 159 -16.74 13.65 4.32
C GLU B 159 -16.37 12.71 5.46
N PRO B 160 -16.81 11.45 5.37
CA PRO B 160 -16.64 10.57 6.50
C PRO B 160 -15.17 10.19 6.66
N LEU B 161 -14.48 9.95 5.53
CA LEU B 161 -13.09 9.46 5.55
C LEU B 161 -12.10 10.47 6.17
N SER B 162 -12.61 11.62 6.63
CA SER B 162 -11.83 12.60 7.36
C SER B 162 -10.81 12.03 8.36
N ASN B 163 -11.13 10.88 8.96
CA ASN B 163 -10.29 10.27 10.00
C ASN B 163 -9.09 9.47 9.46
N LEU B 164 -9.16 9.00 8.21
CA LEU B 164 -8.16 8.06 7.67
C LEU B 164 -6.88 8.73 7.19
N ASP B 165 -5.78 7.98 7.30
CA ASP B 165 -4.48 8.44 6.83
C ASP B 165 -4.42 8.46 5.30
N ALA B 166 -3.58 9.34 4.75
CA ALA B 166 -3.40 9.49 3.30
C ALA B 166 -3.50 8.19 2.52
N LEU B 167 -2.57 7.27 2.78
CA LEU B 167 -2.46 6.03 1.99
C LEU B 167 -3.68 5.12 2.13
N LEU B 168 -4.13 4.91 3.38
CA LEU B 168 -5.29 4.06 3.64
C LEU B 168 -6.54 4.57 2.94
N ARG B 169 -6.68 5.89 2.87
CA ARG B 169 -7.85 6.53 2.30
C ARG B 169 -7.92 6.33 0.78
N LEU B 170 -6.76 6.33 0.12
CA LEU B 170 -6.70 6.25 -1.35
C LEU B 170 -7.26 4.92 -1.85
N GLU B 171 -7.19 3.89 -1.01
CA GLU B 171 -7.72 2.59 -1.38
C GLU B 171 -9.11 2.34 -0.80
N VAL B 172 -9.37 2.90 0.38
CA VAL B 172 -10.69 2.74 1.02
C VAL B 172 -11.78 3.52 0.29
N ARG B 173 -11.40 4.53 -0.49
CA ARG B 173 -12.35 5.20 -1.36
C ARG B 173 -12.80 4.25 -2.49
N ALA B 174 -11.82 3.56 -3.09
CA ALA B 174 -12.09 2.58 -4.14
C ALA B 174 -13.07 1.53 -3.63
N GLU B 175 -12.75 0.98 -2.46
CA GLU B 175 -13.62 0.06 -1.74
C GLU B 175 -15.06 0.56 -1.57
N LEU B 176 -15.21 1.78 -1.05
CA LEU B 176 -16.53 2.39 -0.85
C LEU B 176 -17.27 2.45 -2.19
N LYS B 177 -16.53 2.79 -3.25
CA LYS B 177 -17.11 2.87 -4.58
C LYS B 177 -17.60 1.49 -5.06
N ARG B 178 -16.88 0.42 -4.72
CA ARG B 178 -17.31 -0.93 -5.09
C ARG B 178 -18.60 -1.31 -4.37
N LEU B 179 -18.62 -1.08 -3.06
CA LEU B 179 -19.81 -1.31 -2.26
C LEU B 179 -21.05 -0.56 -2.79
N GLN B 180 -20.85 0.69 -3.20
CA GLN B 180 -21.95 1.52 -3.70
C GLN B 180 -22.52 0.94 -4.99
N LYS B 181 -21.64 0.43 -5.84
CA LYS B 181 -22.01 -0.16 -7.11
C LYS B 181 -22.58 -1.56 -6.89
N GLU B 182 -22.03 -2.28 -5.92
CA GLU B 182 -22.54 -3.58 -5.46
C GLU B 182 -24.00 -3.53 -4.97
N LEU B 183 -24.33 -2.50 -4.20
CA LEU B 183 -25.70 -2.28 -3.70
C LEU B 183 -26.63 -1.50 -4.63
N GLY B 184 -26.04 -0.73 -5.55
CA GLY B 184 -26.82 0.13 -6.43
C GLY B 184 -27.61 1.17 -5.68
N ILE B 185 -27.11 1.58 -4.52
CA ILE B 185 -27.79 2.58 -3.69
C ILE B 185 -27.40 3.99 -4.15
N THR B 186 -28.39 4.87 -4.34
CA THR B 186 -28.15 6.29 -4.63
C THR B 186 -27.30 6.84 -3.48
N THR B 187 -26.17 7.46 -3.80
CA THR B 187 -25.19 7.90 -2.79
C THR B 187 -24.79 9.34 -3.07
N VAL B 188 -24.88 10.19 -2.05
CA VAL B 188 -24.42 11.57 -2.15
C VAL B 188 -23.30 11.73 -1.12
N TYR B 189 -22.16 12.22 -1.60
CA TYR B 189 -20.89 12.22 -0.87
C TYR B 189 -20.31 13.63 -0.83
N VAL B 190 -20.33 14.28 0.33
CA VAL B 190 -19.67 15.58 0.51
C VAL B 190 -18.14 15.39 0.65
N THR B 191 -17.37 16.15 -0.11
CA THR B 191 -15.91 16.27 0.12
C THR B 191 -15.35 17.62 -0.30
N HIS B 192 -14.30 18.05 0.37
CA HIS B 192 -13.53 19.21 -0.09
C HIS B 192 -12.35 18.73 -0.92
N ASP B 193 -12.17 17.42 -1.01
CA ASP B 193 -11.05 16.80 -1.72
C ASP B 193 -11.30 16.55 -3.22
N GLN B 194 -10.78 17.48 -4.00
CA GLN B 194 -10.73 17.48 -5.46
C GLN B 194 -10.38 16.13 -6.10
N ALA B 195 -9.27 15.54 -5.68
CA ALA B 195 -8.78 14.25 -6.20
C ALA B 195 -9.68 13.07 -5.86
N GLU B 196 -10.15 13.03 -4.63
CA GLU B 196 -11.09 12.04 -4.20
C GLU B 196 -12.38 12.08 -5.02
N ALA B 197 -12.95 13.27 -5.17
CA ALA B 197 -14.21 13.42 -5.90
C ALA B 197 -14.01 12.93 -7.34
N LEU B 198 -12.91 13.31 -7.97
CA LEU B 198 -12.64 12.88 -9.35
C LEU B 198 -12.43 11.35 -9.47
N ALA B 199 -11.83 10.73 -8.46
CA ALA B 199 -11.60 9.25 -8.50
C ALA B 199 -12.86 8.43 -8.24
N MET B 200 -13.79 8.97 -7.46
CA MET B 200 -14.92 8.17 -6.98
C MET B 200 -16.24 8.44 -7.65
N ALA B 201 -16.51 9.67 -8.08
CA ALA B 201 -17.89 10.01 -8.36
C ALA B 201 -18.25 9.70 -9.80
N ASP B 202 -19.51 9.36 -10.02
CA ASP B 202 -20.14 9.35 -11.37
C ASP B 202 -20.35 10.76 -11.94
N ARG B 203 -20.81 11.67 -11.08
CA ARG B 203 -20.91 13.10 -11.39
C ARG B 203 -20.52 13.90 -10.16
N ILE B 204 -20.03 15.12 -10.38
CA ILE B 204 -19.59 16.05 -9.32
C ILE B 204 -20.34 17.35 -9.50
N ALA B 205 -21.03 17.77 -8.45
CA ALA B 205 -21.59 19.12 -8.32
C ALA B 205 -20.57 19.98 -7.58
N VAL B 206 -20.11 21.03 -8.24
CA VAL B 206 -19.13 21.95 -7.64
C VAL B 206 -19.90 23.08 -6.97
N ILE B 207 -19.66 23.26 -5.66
CA ILE B 207 -20.41 24.18 -4.83
C ILE B 207 -19.52 25.34 -4.37
N ARG B 208 -19.99 26.56 -4.56
CA ARG B 208 -19.30 27.73 -4.02
C ARG B 208 -20.37 28.71 -3.54
N GLU B 209 -20.19 29.24 -2.35
CA GLU B 209 -21.10 30.24 -1.81
C GLU B 209 -22.59 29.89 -1.99
N GLY B 210 -22.95 28.67 -1.60
CA GLY B 210 -24.35 28.23 -1.64
C GLY B 210 -24.97 27.91 -2.99
N GLU B 211 -24.18 27.99 -4.06
CA GLU B 211 -24.69 27.68 -5.41
C GLU B 211 -23.96 26.51 -6.04
N ILE B 212 -24.65 25.76 -6.89
CA ILE B 212 -23.97 24.77 -7.73
C ILE B 212 -23.53 25.53 -8.97
N LEU B 213 -22.24 25.52 -9.24
CA LEU B 213 -21.69 26.18 -10.42
C LEU B 213 -21.76 25.26 -11.65
N GLN B 214 -21.53 23.99 -11.41
CA GLN B 214 -21.53 22.99 -12.48
C GLN B 214 -21.80 21.62 -11.92
N VAL B 215 -22.53 20.81 -12.69
CA VAL B 215 -22.72 19.40 -12.42
C VAL B 215 -22.29 18.67 -13.68
N GLY B 216 -21.38 17.72 -13.52
CA GLY B 216 -20.95 16.90 -14.64
C GLY B 216 -20.08 15.75 -14.20
N THR B 217 -19.70 14.93 -15.18
CA THR B 217 -18.72 13.88 -14.98
C THR B 217 -17.36 14.48 -14.61
N PRO B 218 -16.45 13.68 -14.06
CA PRO B 218 -15.08 14.13 -13.83
C PRO B 218 -14.43 14.78 -15.07
N ASP B 219 -14.58 14.16 -16.24
CA ASP B 219 -14.09 14.74 -17.51
C ASP B 219 -14.77 16.08 -17.84
N GLU B 220 -16.07 16.17 -17.66
CA GLU B 220 -16.78 17.42 -17.94
C GLU B 220 -16.31 18.59 -17.06
N VAL B 221 -16.32 18.40 -15.74
CA VAL B 221 -15.89 19.51 -14.84
C VAL B 221 -14.44 19.84 -14.94
N TYR B 222 -13.60 18.86 -15.25
CA TYR B 222 -12.15 19.10 -15.36
C TYR B 222 -11.73 19.72 -16.69
N TYR B 223 -12.18 19.10 -17.78
CA TYR B 223 -11.76 19.53 -19.10
C TYR B 223 -12.61 20.66 -19.65
N LYS B 224 -13.86 20.78 -19.21
CA LYS B 224 -14.80 21.79 -19.72
C LYS B 224 -15.44 22.58 -18.56
N PRO B 225 -14.61 23.23 -17.71
CA PRO B 225 -15.13 24.01 -16.60
C PRO B 225 -15.95 25.19 -17.08
N LYS B 226 -17.09 25.40 -16.44
CA LYS B 226 -18.04 26.43 -16.82
C LYS B 226 -17.79 27.75 -16.10
N TYR B 227 -17.08 27.71 -14.98
CA TYR B 227 -16.75 28.92 -14.21
C TYR B 227 -15.27 28.89 -13.79
N LYS B 228 -14.71 30.08 -13.60
CA LYS B 228 -13.35 30.17 -13.08
C LYS B 228 -13.18 29.29 -11.87
N PHE B 229 -14.09 29.39 -10.90
CA PHE B 229 -13.93 28.67 -9.63
C PHE B 229 -13.83 27.17 -9.83
N VAL B 230 -14.62 26.66 -10.76
CA VAL B 230 -14.55 25.20 -11.11
C VAL B 230 -13.14 24.83 -11.51
N GLY B 231 -12.56 25.57 -12.44
CA GLY B 231 -11.20 25.27 -12.88
C GLY B 231 -10.20 25.46 -11.77
N GLY B 232 -10.46 26.48 -10.95
CA GLY B 232 -9.61 26.78 -9.79
C GLY B 232 -9.73 25.78 -8.65
N PHE B 233 -10.75 24.91 -8.67
CA PHE B 233 -10.91 24.01 -7.54
C PHE B 233 -10.51 22.56 -7.83
N LEU B 234 -10.45 22.17 -9.11
CA LEU B 234 -9.94 20.84 -9.49
C LEU B 234 -8.52 20.89 -10.03
N GLY B 235 -7.81 19.79 -9.85
CA GLY B 235 -6.41 19.69 -10.19
C GLY B 235 -5.56 20.10 -9.01
N ASN B 236 -4.35 19.56 -8.96
CA ASN B 236 -3.36 19.96 -7.96
C ASN B 236 -1.96 20.10 -8.59
N PRO B 237 -1.53 21.35 -8.86
CA PRO B 237 -2.32 22.54 -8.61
C PRO B 237 -3.47 22.71 -9.62
N PRO B 238 -4.43 23.55 -9.28
CA PRO B 238 -5.53 23.78 -10.18
C PRO B 238 -5.20 24.70 -11.36
N MET B 239 -6.23 25.12 -12.08
CA MET B 239 -6.06 25.97 -13.25
C MET B 239 -5.47 27.31 -12.85
N ASN B 240 -4.57 27.79 -13.70
CA ASN B 240 -3.99 29.10 -13.60
C ASN B 240 -4.93 30.12 -14.22
N PHE B 241 -4.95 31.33 -13.64
CA PHE B 241 -5.72 32.43 -14.19
C PHE B 241 -4.86 33.68 -14.29
N VAL B 242 -4.92 34.32 -15.45
CA VAL B 242 -4.23 35.58 -15.74
C VAL B 242 -5.30 36.51 -16.35
N GLU B 243 -5.50 37.66 -15.73
CA GLU B 243 -6.43 38.66 -16.24
C GLU B 243 -5.82 39.47 -17.38
N ALA B 244 -6.65 39.81 -18.36
CA ALA B 244 -6.16 40.50 -19.57
C ALA B 244 -7.19 41.50 -20.09
N LYS B 245 -6.69 42.55 -20.72
CA LYS B 245 -7.52 43.55 -21.37
C LYS B 245 -7.55 43.28 -22.86
N VAL B 246 -8.73 43.30 -23.47
CA VAL B 246 -8.87 43.11 -24.91
C VAL B 246 -8.66 44.45 -25.63
N GLU B 247 -7.61 44.54 -26.43
CA GLU B 247 -7.30 45.72 -27.22
C GLU B 247 -6.87 45.35 -28.63
N ASP B 248 -7.70 45.70 -29.62
CA ASP B 248 -7.43 45.44 -31.06
C ASP B 248 -7.02 44.01 -31.44
N GLY B 249 -7.83 43.04 -31.04
CA GLY B 249 -7.48 41.63 -31.28
C GLY B 249 -6.32 41.06 -30.44
N LYS B 250 -5.79 41.87 -29.51
CA LYS B 250 -4.75 41.40 -28.58
C LYS B 250 -5.38 41.26 -27.18
N LEU B 251 -4.87 40.31 -26.39
CA LEU B 251 -5.15 40.27 -24.97
C LEU B 251 -3.92 40.83 -24.26
N VAL B 252 -4.11 41.92 -23.52
CA VAL B 252 -2.99 42.62 -22.87
C VAL B 252 -2.92 42.31 -21.37
N ILE B 253 -1.83 41.64 -20.97
CA ILE B 253 -1.60 41.27 -19.58
C ILE B 253 -0.77 42.39 -18.93
N THR B 254 0.36 42.69 -19.55
CA THR B 254 1.19 43.83 -19.19
C THR B 254 1.70 44.46 -20.46
N GLU B 255 2.41 45.59 -20.33
CA GLU B 255 3.10 46.22 -21.45
C GLU B 255 4.05 45.22 -22.13
N LYS B 256 4.65 44.34 -21.33
CA LYS B 256 5.58 43.30 -21.81
C LYS B 256 4.83 42.11 -22.40
N SER B 257 3.83 41.62 -21.68
CA SER B 257 3.05 40.43 -22.08
C SER B 257 1.75 40.76 -22.82
N LYS B 258 1.70 40.29 -24.06
CA LYS B 258 0.56 40.46 -24.92
C LYS B 258 0.47 39.18 -25.72
N LEU B 259 -0.73 38.78 -26.08
CA LEU B 259 -0.89 37.63 -26.95
C LEU B 259 -2.11 37.83 -27.79
N PRO B 260 -2.13 37.19 -28.97
CA PRO B 260 -3.36 37.32 -29.73
C PRO B 260 -4.50 36.70 -28.96
N ILE B 261 -5.71 37.20 -29.20
CA ILE B 261 -6.89 36.55 -28.72
C ILE B 261 -6.84 35.16 -29.34
N PRO B 262 -6.87 34.10 -28.51
CA PRO B 262 -6.84 32.78 -29.09
C PRO B 262 -7.86 32.62 -30.18
N LYS B 263 -7.41 32.09 -31.31
CA LYS B 263 -8.20 32.17 -32.55
C LYS B 263 -9.62 31.67 -32.38
N GLN B 264 -9.83 30.63 -31.57
CA GLN B 264 -11.18 30.05 -31.34
C GLN B 264 -12.16 31.03 -30.71
N TYR B 265 -11.61 32.01 -29.98
CA TYR B 265 -12.41 32.92 -29.17
C TYR B 265 -12.63 34.30 -29.78
N VAL B 266 -12.07 34.57 -30.97
CA VAL B 266 -12.07 35.92 -31.55
C VAL B 266 -13.49 36.41 -31.75
N GLU B 267 -14.33 35.51 -32.24
CA GLU B 267 -15.71 35.77 -32.60
C GLU B 267 -16.57 36.18 -31.41
N ILE B 268 -16.57 35.37 -30.36
CA ILE B 268 -17.37 35.63 -29.17
C ILE B 268 -16.83 36.81 -28.35
N VAL B 269 -15.51 37.01 -28.36
CA VAL B 269 -14.91 38.13 -27.62
C VAL B 269 -15.27 39.48 -28.27
N LYS B 270 -15.17 39.56 -29.59
CA LYS B 270 -15.46 40.79 -30.31
C LYS B 270 -16.98 41.01 -30.43
N GLU B 271 -17.74 39.93 -30.66
CA GLU B 271 -19.22 39.96 -30.71
C GLU B 271 -19.83 40.63 -29.47
N THR B 272 -19.28 40.29 -28.31
CA THR B 272 -19.79 40.77 -27.04
C THR B 272 -19.24 42.15 -26.64
N GLY B 273 -18.10 42.55 -27.20
CA GLY B 273 -17.44 43.81 -26.85
C GLY B 273 -16.78 43.78 -25.48
N ILE B 274 -16.50 42.58 -24.96
CA ILE B 274 -15.85 42.43 -23.66
C ILE B 274 -14.52 43.16 -23.72
N THR B 275 -14.18 43.86 -22.65
CA THR B 275 -12.95 44.64 -22.60
C THR B 275 -11.93 44.00 -21.68
N GLU B 276 -12.38 43.08 -20.83
CA GLU B 276 -11.47 42.28 -20.06
C GLU B 276 -11.95 40.85 -19.83
N VAL B 277 -10.98 39.96 -19.76
CA VAL B 277 -11.24 38.54 -19.61
C VAL B 277 -10.22 37.92 -18.68
N ILE B 278 -10.53 36.69 -18.26
CA ILE B 278 -9.64 35.87 -17.51
C ILE B 278 -9.16 34.75 -18.44
N ILE B 279 -7.85 34.63 -18.54
CA ILE B 279 -7.23 33.56 -19.30
C ILE B 279 -6.89 32.45 -18.33
N GLY B 280 -7.35 31.26 -18.64
CA GLY B 280 -7.13 30.11 -17.79
C GLY B 280 -6.41 29.02 -18.58
N PHE B 281 -5.46 28.37 -17.91
CA PHE B 281 -4.74 27.22 -18.45
C PHE B 281 -4.17 26.37 -17.32
N ARG B 282 -4.07 25.09 -17.57
CA ARG B 282 -3.63 24.18 -16.54
C ARG B 282 -2.10 24.02 -16.50
N PRO B 283 -1.53 23.85 -15.27
CA PRO B 283 -0.08 23.66 -15.06
C PRO B 283 0.57 22.65 -16.02
N HIS B 284 -0.13 21.56 -16.31
CA HIS B 284 0.43 20.55 -17.25
C HIS B 284 0.17 20.88 -18.71
N ASP B 285 -0.57 21.95 -18.98
CA ASP B 285 -0.95 22.29 -20.36
C ASP B 285 -0.08 23.39 -20.95
N ALA B 286 1.06 23.64 -20.31
CA ALA B 286 1.94 24.75 -20.65
C ALA B 286 3.35 24.31 -20.45
N GLU B 287 4.27 24.95 -21.17
CA GLU B 287 5.69 24.67 -21.05
C GLU B 287 6.47 25.93 -20.68
N ILE B 288 7.39 25.80 -19.72
CA ILE B 288 8.24 26.90 -19.33
C ILE B 288 9.47 26.88 -20.22
N VAL B 289 9.74 28.01 -20.87
CA VAL B 289 10.90 28.19 -21.73
C VAL B 289 11.71 29.35 -21.18
N LYS B 290 13.03 29.14 -21.09
CA LYS B 290 13.97 30.16 -20.62
C LYS B 290 13.98 31.33 -21.60
N GLY B 291 13.99 32.55 -21.06
CA GLY B 291 14.08 33.78 -21.85
C GLY B 291 12.73 34.33 -22.23
N GLU B 292 12.70 35.55 -22.78
CA GLU B 292 11.47 36.18 -23.29
C GLU B 292 11.19 35.78 -24.73
N GLY B 293 9.92 35.69 -25.09
CA GLY B 293 9.53 35.45 -26.48
C GLY B 293 8.06 35.22 -26.73
N GLU B 294 7.76 34.08 -27.37
CA GLU B 294 6.39 33.72 -27.79
C GLU B 294 5.49 33.24 -26.66
N GLY B 295 4.64 34.13 -26.15
CA GLY B 295 3.57 33.74 -25.24
C GLY B 295 3.31 34.68 -24.09
N ILE B 296 3.15 34.12 -22.89
CA ILE B 296 3.03 34.88 -21.66
C ILE B 296 4.40 34.89 -21.00
N VAL B 297 4.99 36.07 -20.85
CA VAL B 297 6.31 36.16 -20.25
C VAL B 297 6.19 36.50 -18.77
N GLY B 298 7.14 36.00 -18.00
CA GLY B 298 7.12 36.18 -16.57
C GLY B 298 8.49 35.87 -15.99
N GLU B 299 8.53 35.81 -14.66
CA GLU B 299 9.76 35.64 -13.95
C GLU B 299 9.56 34.59 -12.89
N VAL B 300 10.48 33.64 -12.83
CA VAL B 300 10.42 32.60 -11.83
C VAL B 300 10.26 33.18 -10.40
N TYR B 301 9.34 32.59 -9.63
CA TYR B 301 9.14 32.98 -8.24
C TYR B 301 9.72 31.93 -7.30
N SER B 302 9.23 30.69 -7.45
CA SER B 302 9.73 29.55 -6.67
C SER B 302 9.45 28.25 -7.38
N PHE B 303 10.10 27.19 -6.91
CA PHE B 303 9.97 25.85 -7.50
C PHE B 303 10.13 24.78 -6.43
N GLU B 304 9.35 23.70 -6.55
CA GLU B 304 9.52 22.55 -5.68
C GLU B 304 9.16 21.26 -6.42
N PRO B 305 9.72 20.12 -5.97
CA PRO B 305 9.28 18.84 -6.51
C PRO B 305 7.80 18.54 -6.24
N LEU B 306 7.15 17.91 -7.22
CA LEU B 306 5.81 17.37 -7.05
C LEU B 306 5.68 16.17 -7.97
N GLY B 307 5.84 14.98 -7.39
CA GLY B 307 6.02 13.75 -8.18
C GLY B 307 7.40 13.67 -8.83
N ARG B 308 7.49 12.98 -9.97
CA ARG B 308 8.74 12.92 -10.75
C ARG B 308 8.87 14.19 -11.61
N GLU B 309 8.31 15.29 -11.12
CA GLU B 309 8.38 16.55 -11.84
C GLU B 309 8.61 17.70 -10.87
N GLN B 310 8.77 18.87 -11.45
CA GLN B 310 9.02 20.10 -10.76
C GLN B 310 7.85 21.02 -11.02
N ILE B 311 7.29 21.64 -9.98
CA ILE B 311 6.25 22.63 -10.16
C ILE B 311 6.83 24.02 -9.87
N VAL B 312 6.81 24.87 -10.90
CA VAL B 312 7.47 26.18 -10.88
C VAL B 312 6.39 27.26 -10.72
N THR B 313 6.54 28.07 -9.68
CA THR B 313 5.66 29.22 -9.49
C THR B 313 6.29 30.39 -10.23
N VAL B 314 5.51 31.04 -11.09
CA VAL B 314 6.01 32.08 -11.96
C VAL B 314 5.16 33.31 -11.83
N SER B 315 5.79 34.46 -11.66
CA SER B 315 5.05 35.67 -11.36
C SER B 315 4.76 36.33 -12.69
N VAL B 316 3.48 36.52 -12.95
CA VAL B 316 3.03 37.17 -14.17
C VAL B 316 2.48 38.48 -13.67
N ASN B 317 3.35 39.48 -13.75
CA ASN B 317 3.28 40.72 -12.99
C ASN B 317 2.52 40.65 -11.66
N ASP B 318 1.24 41.00 -11.62
CA ASP B 318 0.56 41.10 -10.32
C ASP B 318 0.18 39.75 -9.71
N SER B 319 0.09 38.73 -10.57
CA SER B 319 -0.47 37.42 -10.24
C SER B 319 0.60 36.33 -10.29
N ILE B 320 0.20 35.12 -9.94
CA ILE B 320 1.07 33.95 -9.86
C ILE B 320 0.43 32.82 -10.69
N VAL B 321 1.24 32.08 -11.44
CA VAL B 321 0.82 30.85 -12.13
C VAL B 321 1.82 29.74 -11.79
N LYS B 322 1.37 28.49 -11.88
CA LYS B 322 2.20 27.34 -11.61
C LYS B 322 2.26 26.45 -12.85
N VAL B 323 3.48 26.11 -13.27
CA VAL B 323 3.68 25.29 -14.46
C VAL B 323 4.69 24.18 -14.18
N PHE B 324 4.41 22.98 -14.69
CA PHE B 324 5.27 21.84 -14.53
C PHE B 324 6.48 21.87 -15.46
N ALA B 325 7.57 21.27 -14.99
CA ALA B 325 8.83 21.24 -15.73
C ALA B 325 9.58 19.97 -15.38
N PRO B 326 10.46 19.52 -16.28
CA PRO B 326 11.30 18.36 -15.95
C PRO B 326 12.07 18.52 -14.63
N GLU B 327 12.04 17.47 -13.81
CA GLU B 327 12.65 17.45 -12.48
C GLU B 327 14.15 17.79 -12.49
N GLY B 328 14.81 17.58 -13.63
CA GLY B 328 16.23 17.89 -13.78
C GLY B 328 16.58 19.30 -14.20
N GLU B 329 15.57 20.08 -14.60
CA GLU B 329 15.83 21.42 -15.08
C GLU B 329 16.14 22.35 -13.91
N HIS B 330 16.90 23.40 -14.16
CA HIS B 330 17.31 24.30 -13.09
C HIS B 330 16.78 25.71 -13.30
N PHE B 331 15.89 26.13 -12.40
CA PHE B 331 15.33 27.49 -12.39
C PHE B 331 15.82 28.24 -11.15
N SER B 332 15.67 29.56 -11.15
CA SER B 332 16.03 30.36 -9.99
C SER B 332 15.21 31.65 -9.94
N PHE B 333 15.00 32.18 -8.73
CA PHE B 333 14.18 33.38 -8.55
C PHE B 333 14.54 34.44 -9.56
N GLY B 334 13.52 35.14 -10.06
CA GLY B 334 13.74 36.21 -11.00
C GLY B 334 14.07 35.79 -12.42
N GLU B 335 14.43 34.53 -12.63
CA GLU B 335 14.78 34.06 -13.97
C GLU B 335 13.67 34.43 -14.92
N LYS B 336 14.00 35.11 -16.01
CA LYS B 336 13.02 35.44 -17.03
C LYS B 336 12.62 34.18 -17.80
N VAL B 337 11.31 33.95 -17.90
CA VAL B 337 10.79 32.82 -18.67
C VAL B 337 9.59 33.22 -19.51
N THR B 338 9.27 32.36 -20.46
CA THR B 338 8.05 32.48 -21.25
C THR B 338 7.28 31.19 -21.07
N ILE B 339 6.01 31.32 -20.72
CA ILE B 339 5.19 30.15 -20.54
C ILE B 339 4.42 29.94 -21.84
N LYS B 340 4.82 28.91 -22.56
CA LYS B 340 4.20 28.53 -23.85
C LYS B 340 2.91 27.79 -23.58
N VAL B 341 1.83 28.32 -24.12
CA VAL B 341 0.49 27.79 -23.95
C VAL B 341 -0.16 27.62 -25.33
N LYS B 342 -0.46 26.39 -25.72
CA LYS B 342 -1.12 26.17 -27.01
C LYS B 342 -2.54 26.68 -26.90
N GLU B 343 -2.96 27.45 -27.88
CA GLU B 343 -4.32 28.03 -27.86
C GLU B 343 -5.42 26.99 -27.66
N GLU B 344 -5.24 25.76 -28.16
CA GLU B 344 -6.22 24.71 -27.92
C GLU B 344 -6.51 24.43 -26.44
N LEU B 345 -5.50 24.66 -25.59
CA LEU B 345 -5.58 24.42 -24.14
C LEU B 345 -5.64 25.73 -23.34
N LEU B 346 -6.17 26.79 -23.94
CA LEU B 346 -6.44 28.03 -23.21
C LEU B 346 -7.95 28.10 -23.13
N VAL B 347 -8.49 28.50 -21.97
CA VAL B 347 -9.91 28.83 -21.82
C VAL B 347 -10.03 30.30 -21.40
N LEU B 348 -11.08 30.97 -21.88
CA LEU B 348 -11.33 32.36 -21.48
C LEU B 348 -12.64 32.44 -20.73
N PHE B 349 -12.63 33.28 -19.69
CA PHE B 349 -13.79 33.51 -18.85
C PHE B 349 -14.09 35.01 -18.79
N ASP B 350 -15.36 35.34 -18.68
CA ASP B 350 -15.77 36.72 -18.49
C ASP B 350 -15.26 37.19 -17.14
N LYS B 351 -14.54 38.30 -17.10
CA LYS B 351 -14.01 38.77 -15.82
C LYS B 351 -15.12 39.00 -14.80
N LYS B 352 -16.27 39.50 -15.26
CA LYS B 352 -17.36 39.86 -14.34
C LYS B 352 -18.11 38.66 -13.79
N THR B 353 -18.64 37.82 -14.67
CA THR B 353 -19.46 36.68 -14.26
C THR B 353 -18.60 35.51 -13.86
N GLU B 354 -17.34 35.54 -14.31
CA GLU B 354 -16.40 34.42 -14.20
C GLU B 354 -16.83 33.17 -14.98
N LYS B 355 -17.79 33.31 -15.89
CA LYS B 355 -18.27 32.21 -16.71
C LYS B 355 -17.40 31.99 -17.95
N ALA B 356 -17.20 30.73 -18.33
CA ALA B 356 -16.40 30.43 -19.51
C ALA B 356 -17.13 31.02 -20.71
N LEU B 357 -16.40 31.54 -21.68
CA LEU B 357 -16.99 32.01 -22.91
C LEU B 357 -17.18 30.79 -23.82
N GLU B 358 -18.30 30.70 -24.54
CA GLU B 358 -18.50 29.59 -25.50
C GLU B 358 -18.32 30.11 -26.92
N PHE B 359 -17.54 29.39 -27.72
CA PHE B 359 -17.50 29.60 -29.18
C PHE B 359 -18.35 28.53 -29.91
N SER B 360 -18.68 28.75 -31.20
CA SER B 360 -19.48 27.78 -31.95
C SER B 360 -18.83 26.41 -31.81
N LYS B 361 -19.63 25.38 -31.60
CA LYS B 361 -19.08 24.06 -31.22
C LYS B 361 -18.50 23.29 -32.41
N LEU B 362 -17.34 22.66 -32.19
CA LEU B 362 -16.74 21.76 -33.16
C LEU B 362 -17.31 20.37 -33.00
#